data_2KNL
# 
_entry.id   2KNL 
# 
_audit_conform.dict_name       mmcif_pdbx.dic 
_audit_conform.dict_version    5.392 
_audit_conform.dict_location   http://mmcif.pdb.org/dictionaries/ascii/mmcif_pdbx.dic 
# 
loop_
_database_2.database_id 
_database_2.database_code 
_database_2.pdbx_database_accession 
_database_2.pdbx_DOI 
PDB   2KNL         pdb_00002knl 10.2210/pdb2knl/pdb 
RCSB  RCSB101343   ?            ?                   
WWPDB D_1000101343 ?            ?                   
# 
loop_
_pdbx_audit_revision_history.ordinal 
_pdbx_audit_revision_history.data_content_type 
_pdbx_audit_revision_history.major_revision 
_pdbx_audit_revision_history.minor_revision 
_pdbx_audit_revision_history.revision_date 
1 'Structure model' 1 0 2009-09-29 
2 'Structure model' 1 1 2011-07-13 
3 'Structure model' 1 2 2022-03-16 
4 'Structure model' 1 3 2024-05-22 
# 
_pdbx_audit_revision_details.ordinal             1 
_pdbx_audit_revision_details.revision_ordinal    1 
_pdbx_audit_revision_details.data_content_type   'Structure model' 
_pdbx_audit_revision_details.provider            repository 
_pdbx_audit_revision_details.type                'Initial release' 
_pdbx_audit_revision_details.description         ? 
_pdbx_audit_revision_details.details             ? 
# 
loop_
_pdbx_audit_revision_group.ordinal 
_pdbx_audit_revision_group.revision_ordinal 
_pdbx_audit_revision_group.data_content_type 
_pdbx_audit_revision_group.group 
1 2 'Structure model' 'Version format compliance' 
2 3 'Structure model' 'Data collection'           
3 3 'Structure model' 'Database references'       
4 3 'Structure model' 'Derived calculations'      
5 4 'Structure model' 'Data collection'           
# 
loop_
_pdbx_audit_revision_category.ordinal 
_pdbx_audit_revision_category.revision_ordinal 
_pdbx_audit_revision_category.data_content_type 
_pdbx_audit_revision_category.category 
1 3 'Structure model' database_2            
2 3 'Structure model' pdbx_nmr_software     
3 3 'Structure model' pdbx_nmr_spectrometer 
4 3 'Structure model' pdbx_struct_assembly  
5 3 'Structure model' pdbx_struct_oper_list 
6 3 'Structure model' struct_conn           
7 3 'Structure model' struct_site           
8 4 'Structure model' chem_comp_atom        
9 4 'Structure model' chem_comp_bond        
# 
loop_
_pdbx_audit_revision_item.ordinal 
_pdbx_audit_revision_item.revision_ordinal 
_pdbx_audit_revision_item.data_content_type 
_pdbx_audit_revision_item.item 
1  3 'Structure model' '_database_2.pdbx_DOI'                
2  3 'Structure model' '_database_2.pdbx_database_accession' 
3  3 'Structure model' '_pdbx_nmr_software.name'             
4  3 'Structure model' '_pdbx_nmr_spectrometer.model'        
5  3 'Structure model' '_struct_conn.pdbx_leaving_atom_flag' 
6  3 'Structure model' '_struct_conn.ptnr1_auth_asym_id'     
7  3 'Structure model' '_struct_conn.ptnr1_auth_comp_id'     
8  3 'Structure model' '_struct_conn.ptnr1_auth_seq_id'      
9  3 'Structure model' '_struct_conn.ptnr1_label_asym_id'    
10 3 'Structure model' '_struct_conn.ptnr1_label_atom_id'    
11 3 'Structure model' '_struct_conn.ptnr1_label_comp_id'    
12 3 'Structure model' '_struct_conn.ptnr1_label_seq_id'     
13 3 'Structure model' '_struct_conn.ptnr2_auth_asym_id'     
14 3 'Structure model' '_struct_conn.ptnr2_auth_comp_id'     
15 3 'Structure model' '_struct_conn.ptnr2_auth_seq_id'      
16 3 'Structure model' '_struct_conn.ptnr2_label_asym_id'    
17 3 'Structure model' '_struct_conn.ptnr2_label_atom_id'    
18 3 'Structure model' '_struct_conn.ptnr2_label_comp_id'    
19 3 'Structure model' '_struct_conn.ptnr2_label_seq_id'     
20 3 'Structure model' '_struct_site.pdbx_auth_asym_id'      
21 3 'Structure model' '_struct_site.pdbx_auth_comp_id'      
22 3 'Structure model' '_struct_site.pdbx_auth_seq_id'       
# 
_pdbx_database_status.deposit_site                    BMRB 
_pdbx_database_status.entry_id                        2KNL 
_pdbx_database_status.process_site                    RCSB 
_pdbx_database_status.recvd_initial_deposition_date   2009-08-26 
_pdbx_database_status.SG_entry                        ? 
_pdbx_database_status.status_code                     REL 
_pdbx_database_status.status_code_mr                  REL 
_pdbx_database_status.status_code_sf                  ? 
_pdbx_database_status.pdb_format_compatible           Y 
_pdbx_database_status.status_code_cs                  ? 
_pdbx_database_status.status_code_nmr_data            ? 
_pdbx_database_status.methods_development_category    ? 
# 
loop_
_pdbx_database_related.content_type 
_pdbx_database_related.db_id 
_pdbx_database_related.db_name 
_pdbx_database_related.details 
unspecified 1LUH PDB 'previously refined structure' 
unspecified 2KNK PDB .                              
# 
loop_
_audit_author.name 
_audit_author.pdbx_ordinal 
'Huang, H.'    1 
'Dooley, P.A.' 2 
'Harris, C.M.' 3 
'Harris, T.M.' 4 
'Stone, M.P.'  5 
# 
_citation.id                        primary 
_citation.title                     
;Differential base stacking interactions induced by trimethylene interstrand DNA cross-links in the 5'-CpG-3' and 5'-GpC-3' sequence contexts.
;
_citation.journal_abbrev            Chem.Res.Toxicol. 
_citation.journal_volume            22 
_citation.page_first                1810 
_citation.page_last                 1816 
_citation.year                      2009 
_citation.journal_id_ASTM           CRTOEC 
_citation.country                   US 
_citation.journal_id_ISSN           0893-228X 
_citation.journal_id_CSD            2140 
_citation.book_publisher            ? 
_citation.pdbx_database_id_PubMed   19916525 
_citation.pdbx_database_id_DOI      10.1021/tx900225c 
# 
loop_
_citation_author.citation_id 
_citation_author.name 
_citation_author.ordinal 
_citation_author.identifier_ORCID 
primary 'Huang, H.'    1 ? 
primary 'Dooley, P.A.' 2 ? 
primary 'Harris, C.M.' 3 ? 
primary 'Harris, T.M.' 4 ? 
primary 'Stone, M.P.'  5 ? 
# 
loop_
_entity.id 
_entity.type 
_entity.src_method 
_entity.pdbx_description 
_entity.formula_weight 
_entity.pdbx_number_of_molecules 
_entity.pdbx_ec 
_entity.pdbx_mutation 
_entity.pdbx_fragment 
_entity.details 
1 polymer     syn 
;DNA (5'-D(*TP*CP*CP*GP*CP*GP*GP*A)-3')
;
2427.605 2 ? ? ? ? 
2 non-polymer syn PROPANE                                  44.096   1 ? ? ? ? 
# 
_entity_poly.entity_id                      1 
_entity_poly.type                           polydeoxyribonucleotide 
_entity_poly.nstd_linkage                   no 
_entity_poly.nstd_monomer                   no 
_entity_poly.pdbx_seq_one_letter_code       '(DT)(DC)(DC)(DG)(DC)(DG)(DG)(DA)' 
_entity_poly.pdbx_seq_one_letter_code_can   TCCGCGGA 
_entity_poly.pdbx_strand_id                 A,B 
_entity_poly.pdbx_target_identifier         ? 
# 
_pdbx_entity_nonpoly.entity_id   2 
_pdbx_entity_nonpoly.name        PROPANE 
_pdbx_entity_nonpoly.comp_id     TME 
# 
loop_
_entity_poly_seq.entity_id 
_entity_poly_seq.num 
_entity_poly_seq.mon_id 
_entity_poly_seq.hetero 
1 1 DT n 
1 2 DC n 
1 3 DC n 
1 4 DG n 
1 5 DC n 
1 6 DG n 
1 7 DG n 
1 8 DA n 
# 
loop_
_chem_comp.id 
_chem_comp.type 
_chem_comp.mon_nstd_flag 
_chem_comp.name 
_chem_comp.pdbx_synonyms 
_chem_comp.formula 
_chem_comp.formula_weight 
DA  'DNA linking' y "2'-DEOXYADENOSINE-5'-MONOPHOSPHATE" ? 'C10 H14 N5 O6 P' 331.222 
DC  'DNA linking' y "2'-DEOXYCYTIDINE-5'-MONOPHOSPHATE"  ? 'C9 H14 N3 O7 P'  307.197 
DG  'DNA linking' y "2'-DEOXYGUANOSINE-5'-MONOPHOSPHATE" ? 'C10 H14 N5 O7 P' 347.221 
DT  'DNA linking' y "THYMIDINE-5'-MONOPHOSPHATE"         ? 'C10 H15 N2 O8 P' 322.208 
TME non-polymer   . PROPANE                              ? 'C3 H8'           44.096  
# 
loop_
_pdbx_poly_seq_scheme.asym_id 
_pdbx_poly_seq_scheme.entity_id 
_pdbx_poly_seq_scheme.seq_id 
_pdbx_poly_seq_scheme.mon_id 
_pdbx_poly_seq_scheme.ndb_seq_num 
_pdbx_poly_seq_scheme.pdb_seq_num 
_pdbx_poly_seq_scheme.auth_seq_num 
_pdbx_poly_seq_scheme.pdb_mon_id 
_pdbx_poly_seq_scheme.auth_mon_id 
_pdbx_poly_seq_scheme.pdb_strand_id 
_pdbx_poly_seq_scheme.pdb_ins_code 
_pdbx_poly_seq_scheme.hetero 
A 1 1 DT 1 1  1  DT DT A . n 
A 1 2 DC 2 2  2  DC DC A . n 
A 1 3 DC 3 3  3  DC DC A . n 
A 1 4 DG 4 4  4  DG DG A . n 
A 1 5 DC 5 5  5  DC DC A . n 
A 1 6 DG 6 6  6  DG DG A . n 
A 1 7 DG 7 7  7  DG DG A . n 
A 1 8 DA 8 8  8  DA DA A . n 
B 1 1 DT 1 9  9  DT DT B . n 
B 1 2 DC 2 10 10 DC DC B . n 
B 1 3 DC 3 11 11 DC DC B . n 
B 1 4 DG 4 12 12 DG DG B . n 
B 1 5 DC 5 13 13 DC DC B . n 
B 1 6 DG 6 14 14 DG DG B . n 
B 1 7 DG 7 15 15 DG DG B . n 
B 1 8 DA 8 16 16 DA DA B . n 
# 
_pdbx_nonpoly_scheme.asym_id         C 
_pdbx_nonpoly_scheme.entity_id       2 
_pdbx_nonpoly_scheme.mon_id          TME 
_pdbx_nonpoly_scheme.ndb_seq_num     1 
_pdbx_nonpoly_scheme.pdb_seq_num     17 
_pdbx_nonpoly_scheme.auth_seq_num    17 
_pdbx_nonpoly_scheme.pdb_mon_id      TME 
_pdbx_nonpoly_scheme.auth_mon_id     TME 
_pdbx_nonpoly_scheme.pdb_strand_id   A 
_pdbx_nonpoly_scheme.pdb_ins_code    . 
# 
_exptl.absorpt_coefficient_mu     ? 
_exptl.absorpt_correction_T_max   ? 
_exptl.absorpt_correction_T_min   ? 
_exptl.absorpt_correction_type    ? 
_exptl.absorpt_process_details    ? 
_exptl.crystals_number            ? 
_exptl.details                    ? 
_exptl.entry_id                   2KNL 
_exptl.method                     'SOLUTION NMR' 
_exptl.method_details             ? 
# 
_struct.entry_id                  2KNL 
_struct.title                     
;Structure of the trimethylene N2-dG:N2-dG interstrand cross-link in the 5'-GpC-3' sequence context
;
_struct.pdbx_model_details        ? 
_struct.pdbx_CASP_flag            ? 
_struct.pdbx_model_type_details   ? 
# 
_struct_keywords.entry_id        2KNL 
_struct_keywords.pdbx_keywords   DNA 
_struct_keywords.text            'interstrand cross-link, trimethylene, GpC sequence context, DNA' 
# 
loop_
_struct_asym.id 
_struct_asym.pdbx_blank_PDB_chainid_flag 
_struct_asym.pdbx_modified 
_struct_asym.entity_id 
_struct_asym.details 
A N N 1 ? 
B N N 1 ? 
C N N 2 ? 
# 
_struct_ref.id                         1 
_struct_ref.db_name                    PDB 
_struct_ref.db_code                    2KNL 
_struct_ref.pdbx_db_accession          2KNL 
_struct_ref.entity_id                  1 
_struct_ref.pdbx_align_begin           ? 
_struct_ref.pdbx_seq_one_letter_code   ? 
_struct_ref.pdbx_db_isoform            ? 
# 
loop_
_struct_ref_seq.align_id 
_struct_ref_seq.ref_id 
_struct_ref_seq.pdbx_PDB_id_code 
_struct_ref_seq.pdbx_strand_id 
_struct_ref_seq.seq_align_beg 
_struct_ref_seq.pdbx_seq_align_beg_ins_code 
_struct_ref_seq.seq_align_end 
_struct_ref_seq.pdbx_seq_align_end_ins_code 
_struct_ref_seq.pdbx_db_accession 
_struct_ref_seq.db_align_beg 
_struct_ref_seq.pdbx_db_align_beg_ins_code 
_struct_ref_seq.db_align_end 
_struct_ref_seq.pdbx_db_align_end_ins_code 
_struct_ref_seq.pdbx_auth_seq_align_beg 
_struct_ref_seq.pdbx_auth_seq_align_end 
1 1 2KNL A 1 ? 8 ? 2KNL 1 ? 8  ? 1 8  
2 1 2KNL B 1 ? 8 ? 2KNL 9 ? 16 ? 9 16 
# 
_pdbx_struct_assembly.id                   1 
_pdbx_struct_assembly.details              author_defined_assembly 
_pdbx_struct_assembly.method_details       ? 
_pdbx_struct_assembly.oligomeric_details   dimeric 
_pdbx_struct_assembly.oligomeric_count     2 
# 
_pdbx_struct_assembly_gen.assembly_id       1 
_pdbx_struct_assembly_gen.oper_expression   1 
_pdbx_struct_assembly_gen.asym_id_list      A,B,C 
# 
_pdbx_struct_oper_list.id                   1 
_pdbx_struct_oper_list.type                 'identity operation' 
_pdbx_struct_oper_list.name                 1_555 
_pdbx_struct_oper_list.symmetry_operation   x,y,z 
_pdbx_struct_oper_list.matrix[1][1]         1.0000000000 
_pdbx_struct_oper_list.matrix[1][2]         0.0000000000 
_pdbx_struct_oper_list.matrix[1][3]         0.0000000000 
_pdbx_struct_oper_list.vector[1]            0.0000000000 
_pdbx_struct_oper_list.matrix[2][1]         0.0000000000 
_pdbx_struct_oper_list.matrix[2][2]         1.0000000000 
_pdbx_struct_oper_list.matrix[2][3]         0.0000000000 
_pdbx_struct_oper_list.vector[2]            0.0000000000 
_pdbx_struct_oper_list.matrix[3][1]         0.0000000000 
_pdbx_struct_oper_list.matrix[3][2]         0.0000000000 
_pdbx_struct_oper_list.matrix[3][3]         1.0000000000 
_pdbx_struct_oper_list.vector[3]            0.0000000000 
# 
_struct_biol.id        1 
_struct_biol.details   ? 
# 
loop_
_struct_conn.id 
_struct_conn.conn_type_id 
_struct_conn.pdbx_leaving_atom_flag 
_struct_conn.pdbx_PDB_id 
_struct_conn.ptnr1_label_asym_id 
_struct_conn.ptnr1_label_comp_id 
_struct_conn.ptnr1_label_seq_id 
_struct_conn.ptnr1_label_atom_id 
_struct_conn.pdbx_ptnr1_label_alt_id 
_struct_conn.pdbx_ptnr1_PDB_ins_code 
_struct_conn.pdbx_ptnr1_standard_comp_id 
_struct_conn.ptnr1_symmetry 
_struct_conn.ptnr2_label_asym_id 
_struct_conn.ptnr2_label_comp_id 
_struct_conn.ptnr2_label_seq_id 
_struct_conn.ptnr2_label_atom_id 
_struct_conn.pdbx_ptnr2_label_alt_id 
_struct_conn.pdbx_ptnr2_PDB_ins_code 
_struct_conn.ptnr1_auth_asym_id 
_struct_conn.ptnr1_auth_comp_id 
_struct_conn.ptnr1_auth_seq_id 
_struct_conn.ptnr2_auth_asym_id 
_struct_conn.ptnr2_auth_comp_id 
_struct_conn.ptnr2_auth_seq_id 
_struct_conn.ptnr2_symmetry 
_struct_conn.pdbx_ptnr3_label_atom_id 
_struct_conn.pdbx_ptnr3_label_seq_id 
_struct_conn.pdbx_ptnr3_label_comp_id 
_struct_conn.pdbx_ptnr3_label_asym_id 
_struct_conn.pdbx_ptnr3_label_alt_id 
_struct_conn.pdbx_ptnr3_PDB_ins_code 
_struct_conn.details 
_struct_conn.pdbx_dist_value 
_struct_conn.pdbx_value_order 
_struct_conn.pdbx_role 
covale1  covale none ? A DG  4 N2 ? ? ? 1_555 C TME . C1 ? ? A DG  4  A TME 17 1_555 ? ? ? ? ? ? ?            1.460 ? ? 
covale2  covale none ? C TME . C3 ? ? ? 1_555 B DG  4 N2 ? ? A TME 17 B DG  12 1_555 ? ? ? ? ? ? ?            1.462 ? ? 
hydrog1  hydrog ?    ? A DT  1 N3 ? ? ? 1_555 B DA  8 N1 ? ? A DT  1  B DA  16 1_555 ? ? ? ? ? ? WATSON-CRICK ?     ? ? 
hydrog2  hydrog ?    ? A DT  1 O4 ? ? ? 1_555 B DA  8 N6 ? ? A DT  1  B DA  16 1_555 ? ? ? ? ? ? WATSON-CRICK ?     ? ? 
hydrog3  hydrog ?    ? A DC  2 N3 ? ? ? 1_555 B DG  7 N1 ? ? A DC  2  B DG  15 1_555 ? ? ? ? ? ? WATSON-CRICK ?     ? ? 
hydrog4  hydrog ?    ? A DC  2 N4 ? ? ? 1_555 B DG  7 O6 ? ? A DC  2  B DG  15 1_555 ? ? ? ? ? ? WATSON-CRICK ?     ? ? 
hydrog5  hydrog ?    ? A DC  2 O2 ? ? ? 1_555 B DG  7 N2 ? ? A DC  2  B DG  15 1_555 ? ? ? ? ? ? WATSON-CRICK ?     ? ? 
hydrog6  hydrog ?    ? A DC  3 N3 ? ? ? 1_555 B DG  6 N1 ? ? A DC  3  B DG  14 1_555 ? ? ? ? ? ? WATSON-CRICK ?     ? ? 
hydrog7  hydrog ?    ? A DC  3 N4 ? ? ? 1_555 B DG  6 O6 ? ? A DC  3  B DG  14 1_555 ? ? ? ? ? ? WATSON-CRICK ?     ? ? 
hydrog8  hydrog ?    ? A DC  3 O2 ? ? ? 1_555 B DG  6 N2 ? ? A DC  3  B DG  14 1_555 ? ? ? ? ? ? WATSON-CRICK ?     ? ? 
hydrog9  hydrog ?    ? A DG  4 N1 ? ? ? 1_555 B DC  5 N3 ? ? A DG  4  B DC  13 1_555 ? ? ? ? ? ? WATSON-CRICK ?     ? ? 
hydrog10 hydrog ?    ? A DG  4 N2 ? ? ? 1_555 B DC  5 O2 ? ? A DG  4  B DC  13 1_555 ? ? ? ? ? ? WATSON-CRICK ?     ? ? 
hydrog11 hydrog ?    ? A DG  4 O6 ? ? ? 1_555 B DC  5 N4 ? ? A DG  4  B DC  13 1_555 ? ? ? ? ? ? WATSON-CRICK ?     ? ? 
hydrog12 hydrog ?    ? A DC  5 N3 ? ? ? 1_555 B DG  4 N1 ? ? A DC  5  B DG  12 1_555 ? ? ? ? ? ? WATSON-CRICK ?     ? ? 
hydrog13 hydrog ?    ? A DC  5 N4 ? ? ? 1_555 B DG  4 O6 ? ? A DC  5  B DG  12 1_555 ? ? ? ? ? ? WATSON-CRICK ?     ? ? 
hydrog14 hydrog ?    ? A DC  5 O2 ? ? ? 1_555 B DG  4 N2 ? ? A DC  5  B DG  12 1_555 ? ? ? ? ? ? WATSON-CRICK ?     ? ? 
hydrog15 hydrog ?    ? A DG  6 N1 ? ? ? 1_555 B DC  3 N3 ? ? A DG  6  B DC  11 1_555 ? ? ? ? ? ? WATSON-CRICK ?     ? ? 
hydrog16 hydrog ?    ? A DG  6 N2 ? ? ? 1_555 B DC  3 O2 ? ? A DG  6  B DC  11 1_555 ? ? ? ? ? ? WATSON-CRICK ?     ? ? 
hydrog17 hydrog ?    ? A DG  6 O6 ? ? ? 1_555 B DC  3 N4 ? ? A DG  6  B DC  11 1_555 ? ? ? ? ? ? WATSON-CRICK ?     ? ? 
hydrog18 hydrog ?    ? A DG  7 N1 ? ? ? 1_555 B DC  2 N3 ? ? A DG  7  B DC  10 1_555 ? ? ? ? ? ? WATSON-CRICK ?     ? ? 
hydrog19 hydrog ?    ? A DG  7 N2 ? ? ? 1_555 B DC  2 O2 ? ? A DG  7  B DC  10 1_555 ? ? ? ? ? ? WATSON-CRICK ?     ? ? 
hydrog20 hydrog ?    ? A DG  7 O6 ? ? ? 1_555 B DC  2 N4 ? ? A DG  7  B DC  10 1_555 ? ? ? ? ? ? WATSON-CRICK ?     ? ? 
hydrog21 hydrog ?    ? A DA  8 N1 ? ? ? 1_555 B DT  1 N3 ? ? A DA  8  B DT  9  1_555 ? ? ? ? ? ? WATSON-CRICK ?     ? ? 
hydrog22 hydrog ?    ? A DA  8 N6 ? ? ? 1_555 B DT  1 O4 ? ? A DA  8  B DT  9  1_555 ? ? ? ? ? ? WATSON-CRICK ?     ? ? 
# 
loop_
_struct_conn_type.id 
_struct_conn_type.criteria 
_struct_conn_type.reference 
covale ? ? 
hydrog ? ? 
# 
_struct_site.id                   AC1 
_struct_site.pdbx_evidence_code   Software 
_struct_site.pdbx_auth_asym_id    A 
_struct_site.pdbx_auth_comp_id    TME 
_struct_site.pdbx_auth_seq_id     17 
_struct_site.pdbx_auth_ins_code   ? 
_struct_site.pdbx_num_residues    4 
_struct_site.details              'BINDING SITE FOR RESIDUE TME A 17' 
# 
loop_
_struct_site_gen.id 
_struct_site_gen.site_id 
_struct_site_gen.pdbx_num_res 
_struct_site_gen.label_comp_id 
_struct_site_gen.label_asym_id 
_struct_site_gen.label_seq_id 
_struct_site_gen.pdbx_auth_ins_code 
_struct_site_gen.auth_comp_id 
_struct_site_gen.auth_asym_id 
_struct_site_gen.auth_seq_id 
_struct_site_gen.label_atom_id 
_struct_site_gen.label_alt_id 
_struct_site_gen.symmetry 
_struct_site_gen.details 
1 AC1 4 DG A 4 ? DG A 4  . ? 1_555 ? 
2 AC1 4 DC A 5 ? DC A 5  . ? 1_555 ? 
3 AC1 4 DG B 4 ? DG B 12 . ? 1_555 ? 
4 AC1 4 DC B 5 ? DC B 13 . ? 1_555 ? 
# 
loop_
_pdbx_validate_rmsd_angle.id 
_pdbx_validate_rmsd_angle.PDB_model_num 
_pdbx_validate_rmsd_angle.auth_atom_id_1 
_pdbx_validate_rmsd_angle.auth_asym_id_1 
_pdbx_validate_rmsd_angle.auth_comp_id_1 
_pdbx_validate_rmsd_angle.auth_seq_id_1 
_pdbx_validate_rmsd_angle.PDB_ins_code_1 
_pdbx_validate_rmsd_angle.label_alt_id_1 
_pdbx_validate_rmsd_angle.auth_atom_id_2 
_pdbx_validate_rmsd_angle.auth_asym_id_2 
_pdbx_validate_rmsd_angle.auth_comp_id_2 
_pdbx_validate_rmsd_angle.auth_seq_id_2 
_pdbx_validate_rmsd_angle.PDB_ins_code_2 
_pdbx_validate_rmsd_angle.label_alt_id_2 
_pdbx_validate_rmsd_angle.auth_atom_id_3 
_pdbx_validate_rmsd_angle.auth_asym_id_3 
_pdbx_validate_rmsd_angle.auth_comp_id_3 
_pdbx_validate_rmsd_angle.auth_seq_id_3 
_pdbx_validate_rmsd_angle.PDB_ins_code_3 
_pdbx_validate_rmsd_angle.label_alt_id_3 
_pdbx_validate_rmsd_angle.angle_value 
_pdbx_validate_rmsd_angle.angle_target_value 
_pdbx_validate_rmsd_angle.angle_deviation 
_pdbx_validate_rmsd_angle.angle_standard_deviation 
_pdbx_validate_rmsd_angle.linker_flag 
1  1 C6    A DT 1  ? ? C5    A DT 1  ? ? C7    A DT 1  ? ? 119.25 122.90 -3.65 0.60 N 
2  1 N1    A DC 2  ? ? C2    A DC 2  ? ? O2    A DC 2  ? ? 122.70 118.90 3.80  0.60 N 
3  1 N3    A DC 2  ? ? C2    A DC 2  ? ? O2    A DC 2  ? ? 116.70 121.90 -5.20 0.70 N 
4  1 N3    A DC 3  ? ? C2    A DC 3  ? ? O2    A DC 3  ? ? 116.85 121.90 -5.05 0.70 N 
5  1 "O4'" A DG 4  ? ? "C1'" A DG 4  ? ? N9    A DG 4  ? ? 111.13 108.30 2.83  0.30 N 
6  1 "O4'" A DC 5  ? ? "C1'" A DC 5  ? ? N1    A DC 5  ? ? 110.50 108.30 2.20  0.30 N 
7  1 N3    A DC 5  ? ? C2    A DC 5  ? ? O2    A DC 5  ? ? 116.49 121.90 -5.41 0.70 N 
8  1 "O4'" A DG 6  ? ? "C4'" A DG 6  ? ? "C3'" A DG 6  ? ? 109.61 106.00 3.61  0.60 N 
9  1 C4    A DA 8  ? ? C5    A DA 8  ? ? C6    A DA 8  ? ? 113.62 117.00 -3.38 0.50 N 
10 1 C5    A DA 8  ? ? C6    A DA 8  ? ? N1    A DA 8  ? ? 121.21 117.70 3.51  0.50 N 
11 1 N1    A DA 8  ? ? C6    A DA 8  ? ? N6    A DA 8  ? ? 113.42 118.60 -5.18 0.60 N 
12 1 C6    B DT 9  ? ? C5    B DT 9  ? ? C7    B DT 9  ? ? 119.02 122.90 -3.88 0.60 N 
13 1 N1    B DC 10 ? ? C2    B DC 10 ? ? O2    B DC 10 ? ? 122.69 118.90 3.79  0.60 N 
14 1 N3    B DC 10 ? ? C2    B DC 10 ? ? O2    B DC 10 ? ? 116.61 121.90 -5.29 0.70 N 
15 1 "O4'" B DC 11 ? ? "C1'" B DC 11 ? ? N1    B DC 11 ? ? 110.13 108.30 1.83  0.30 N 
16 1 N3    B DC 11 ? ? C2    B DC 11 ? ? O2    B DC 11 ? ? 116.75 121.90 -5.15 0.70 N 
17 1 N3    B DC 13 ? ? C2    B DC 13 ? ? O2    B DC 13 ? ? 116.49 121.90 -5.41 0.70 N 
18 1 C4    B DA 16 ? ? C5    B DA 16 ? ? C6    B DA 16 ? ? 113.57 117.00 -3.43 0.50 N 
19 1 C5    B DA 16 ? ? C6    B DA 16 ? ? N1    B DA 16 ? ? 121.24 117.70 3.54  0.50 N 
20 1 N1    B DA 16 ? ? C6    B DA 16 ? ? N6    B DA 16 ? ? 113.56 118.60 -5.04 0.60 N 
# 
loop_
_pdbx_validate_planes.id 
_pdbx_validate_planes.PDB_model_num 
_pdbx_validate_planes.auth_comp_id 
_pdbx_validate_planes.auth_asym_id 
_pdbx_validate_planes.auth_seq_id 
_pdbx_validate_planes.PDB_ins_code 
_pdbx_validate_planes.label_alt_id 
_pdbx_validate_planes.rmsd 
_pdbx_validate_planes.type 
1 1 DC A 2  ? ? 0.073 'SIDE CHAIN' 
2 1 DC A 3  ? ? 0.074 'SIDE CHAIN' 
3 1 DC B 10 ? ? 0.061 'SIDE CHAIN' 
4 1 DC B 11 ? ? 0.076 'SIDE CHAIN' 
5 1 DG B 12 ? ? 0.082 'SIDE CHAIN' 
# 
_pdbx_nmr_ensemble.average_constraint_violations_per_residue     ? 
_pdbx_nmr_ensemble.average_constraints_per_residue               ? 
_pdbx_nmr_ensemble.average_distance_constraint_violation         ? 
_pdbx_nmr_ensemble.average_torsion_angle_constraint_violation    ? 
_pdbx_nmr_ensemble.conformer_selection_criteria                  'back calculated data agree with experimental NOESY spectrum' 
_pdbx_nmr_ensemble.conformers_calculated_total_number            20 
_pdbx_nmr_ensemble.conformers_submitted_total_number             1 
_pdbx_nmr_ensemble.distance_constraint_violation_method          ? 
_pdbx_nmr_ensemble.entry_id                                      2KNL 
_pdbx_nmr_ensemble.maximum_distance_constraint_violation         ? 
_pdbx_nmr_ensemble.maximum_lower_distance_constraint_violation   ? 
_pdbx_nmr_ensemble.maximum_torsion_angle_constraint_violation    ? 
_pdbx_nmr_ensemble.maximum_upper_distance_constraint_violation   ? 
_pdbx_nmr_ensemble.torsion_angle_constraint_violation_method     ? 
# 
_pdbx_nmr_representative.conformer_id         1 
_pdbx_nmr_representative.entry_id             2KNL 
_pdbx_nmr_representative.selection_criteria   'closest to the average' 
# 
_pdbx_nmr_sample_details.contents         
;2 mM DNA (5'-D(*TP*CP*CP*GP*CP*GP*GP*A)-3'), 2 mM XLK2, 100% D2O
;
_pdbx_nmr_sample_details.solution_id      1 
_pdbx_nmr_sample_details.solvent_system   '100% D2O' 
# 
loop_
_pdbx_nmr_exptl_sample.component 
_pdbx_nmr_exptl_sample.concentration 
_pdbx_nmr_exptl_sample.concentration_range 
_pdbx_nmr_exptl_sample.concentration_units 
_pdbx_nmr_exptl_sample.isotopic_labeling 
_pdbx_nmr_exptl_sample.solution_id 
;DNA (5'-D(*TP*CP*CP*GP*CP*GP*GP*A)-3')
;
2 ? mM ? 1 
XLK2                                     2 ? mM ? 1 
# 
_pdbx_nmr_exptl_sample_conditions.conditions_id       1 
_pdbx_nmr_exptl_sample_conditions.ionic_strength      100 
_pdbx_nmr_exptl_sample_conditions.pH                  7.1 
_pdbx_nmr_exptl_sample_conditions.pressure            ambient 
_pdbx_nmr_exptl_sample_conditions.pressure_units      ? 
_pdbx_nmr_exptl_sample_conditions.temperature         298 
_pdbx_nmr_exptl_sample_conditions.temperature_units   K 
# 
_pdbx_nmr_exptl.conditions_id   1 
_pdbx_nmr_exptl.experiment_id   1 
_pdbx_nmr_exptl.solution_id     1 
_pdbx_nmr_exptl.type            '2D 1H-1H NOESY' 
# 
_pdbx_nmr_refine.entry_id           2KNL 
_pdbx_nmr_refine.method             'simulated annealing' 
_pdbx_nmr_refine.details            ? 
_pdbx_nmr_refine.software_ordinal   1 
# 
_pdbx_nmr_software.authors          'Case, D.A. et al.' 
_pdbx_nmr_software.classification   refinement 
_pdbx_nmr_software.name             Amber 
_pdbx_nmr_software.version          ? 
_pdbx_nmr_software.ordinal          1 
# 
loop_
_chem_comp_atom.comp_id 
_chem_comp_atom.atom_id 
_chem_comp_atom.type_symbol 
_chem_comp_atom.pdbx_aromatic_flag 
_chem_comp_atom.pdbx_stereo_config 
_chem_comp_atom.pdbx_ordinal 
DA  OP3    O N N 1   
DA  P      P N N 2   
DA  OP1    O N N 3   
DA  OP2    O N N 4   
DA  "O5'"  O N N 5   
DA  "C5'"  C N N 6   
DA  "C4'"  C N R 7   
DA  "O4'"  O N N 8   
DA  "C3'"  C N S 9   
DA  "O3'"  O N N 10  
DA  "C2'"  C N N 11  
DA  "C1'"  C N R 12  
DA  N9     N Y N 13  
DA  C8     C Y N 14  
DA  N7     N Y N 15  
DA  C5     C Y N 16  
DA  C6     C Y N 17  
DA  N6     N N N 18  
DA  N1     N Y N 19  
DA  C2     C Y N 20  
DA  N3     N Y N 21  
DA  C4     C Y N 22  
DA  HOP3   H N N 23  
DA  HOP2   H N N 24  
DA  "H5'"  H N N 25  
DA  "H5''" H N N 26  
DA  "H4'"  H N N 27  
DA  "H3'"  H N N 28  
DA  "HO3'" H N N 29  
DA  "H2'"  H N N 30  
DA  "H2''" H N N 31  
DA  "H1'"  H N N 32  
DA  H8     H N N 33  
DA  H61    H N N 34  
DA  H62    H N N 35  
DA  H2     H N N 36  
DC  OP3    O N N 37  
DC  P      P N N 38  
DC  OP1    O N N 39  
DC  OP2    O N N 40  
DC  "O5'"  O N N 41  
DC  "C5'"  C N N 42  
DC  "C4'"  C N R 43  
DC  "O4'"  O N N 44  
DC  "C3'"  C N S 45  
DC  "O3'"  O N N 46  
DC  "C2'"  C N N 47  
DC  "C1'"  C N R 48  
DC  N1     N N N 49  
DC  C2     C N N 50  
DC  O2     O N N 51  
DC  N3     N N N 52  
DC  C4     C N N 53  
DC  N4     N N N 54  
DC  C5     C N N 55  
DC  C6     C N N 56  
DC  HOP3   H N N 57  
DC  HOP2   H N N 58  
DC  "H5'"  H N N 59  
DC  "H5''" H N N 60  
DC  "H4'"  H N N 61  
DC  "H3'"  H N N 62  
DC  "HO3'" H N N 63  
DC  "H2'"  H N N 64  
DC  "H2''" H N N 65  
DC  "H1'"  H N N 66  
DC  H41    H N N 67  
DC  H42    H N N 68  
DC  H5     H N N 69  
DC  H6     H N N 70  
DG  OP3    O N N 71  
DG  P      P N N 72  
DG  OP1    O N N 73  
DG  OP2    O N N 74  
DG  "O5'"  O N N 75  
DG  "C5'"  C N N 76  
DG  "C4'"  C N R 77  
DG  "O4'"  O N N 78  
DG  "C3'"  C N S 79  
DG  "O3'"  O N N 80  
DG  "C2'"  C N N 81  
DG  "C1'"  C N R 82  
DG  N9     N Y N 83  
DG  C8     C Y N 84  
DG  N7     N Y N 85  
DG  C5     C Y N 86  
DG  C6     C N N 87  
DG  O6     O N N 88  
DG  N1     N N N 89  
DG  C2     C N N 90  
DG  N2     N N N 91  
DG  N3     N N N 92  
DG  C4     C Y N 93  
DG  HOP3   H N N 94  
DG  HOP2   H N N 95  
DG  "H5'"  H N N 96  
DG  "H5''" H N N 97  
DG  "H4'"  H N N 98  
DG  "H3'"  H N N 99  
DG  "HO3'" H N N 100 
DG  "H2'"  H N N 101 
DG  "H2''" H N N 102 
DG  "H1'"  H N N 103 
DG  H8     H N N 104 
DG  H1     H N N 105 
DG  H21    H N N 106 
DG  H22    H N N 107 
DT  OP3    O N N 108 
DT  P      P N N 109 
DT  OP1    O N N 110 
DT  OP2    O N N 111 
DT  "O5'"  O N N 112 
DT  "C5'"  C N N 113 
DT  "C4'"  C N R 114 
DT  "O4'"  O N N 115 
DT  "C3'"  C N S 116 
DT  "O3'"  O N N 117 
DT  "C2'"  C N N 118 
DT  "C1'"  C N R 119 
DT  N1     N N N 120 
DT  C2     C N N 121 
DT  O2     O N N 122 
DT  N3     N N N 123 
DT  C4     C N N 124 
DT  O4     O N N 125 
DT  C5     C N N 126 
DT  C7     C N N 127 
DT  C6     C N N 128 
DT  HOP3   H N N 129 
DT  HOP2   H N N 130 
DT  "H5'"  H N N 131 
DT  "H5''" H N N 132 
DT  "H4'"  H N N 133 
DT  "H3'"  H N N 134 
DT  "HO3'" H N N 135 
DT  "H2'"  H N N 136 
DT  "H2''" H N N 137 
DT  "H1'"  H N N 138 
DT  H3     H N N 139 
DT  H71    H N N 140 
DT  H72    H N N 141 
DT  H73    H N N 142 
DT  H6     H N N 143 
TME C1     C N N 144 
TME C2     C N N 145 
TME C3     C N N 146 
TME H11    H N N 147 
TME H12    H N N 148 
TME H13    H N N 149 
TME H21    H N N 150 
TME H22    H N N 151 
TME H31    H N N 152 
TME H32    H N N 153 
TME H33    H N N 154 
# 
loop_
_chem_comp_bond.comp_id 
_chem_comp_bond.atom_id_1 
_chem_comp_bond.atom_id_2 
_chem_comp_bond.value_order 
_chem_comp_bond.pdbx_aromatic_flag 
_chem_comp_bond.pdbx_stereo_config 
_chem_comp_bond.pdbx_ordinal 
DA  OP3   P      sing N N 1   
DA  OP3   HOP3   sing N N 2   
DA  P     OP1    doub N N 3   
DA  P     OP2    sing N N 4   
DA  P     "O5'"  sing N N 5   
DA  OP2   HOP2   sing N N 6   
DA  "O5'" "C5'"  sing N N 7   
DA  "C5'" "C4'"  sing N N 8   
DA  "C5'" "H5'"  sing N N 9   
DA  "C5'" "H5''" sing N N 10  
DA  "C4'" "O4'"  sing N N 11  
DA  "C4'" "C3'"  sing N N 12  
DA  "C4'" "H4'"  sing N N 13  
DA  "O4'" "C1'"  sing N N 14  
DA  "C3'" "O3'"  sing N N 15  
DA  "C3'" "C2'"  sing N N 16  
DA  "C3'" "H3'"  sing N N 17  
DA  "O3'" "HO3'" sing N N 18  
DA  "C2'" "C1'"  sing N N 19  
DA  "C2'" "H2'"  sing N N 20  
DA  "C2'" "H2''" sing N N 21  
DA  "C1'" N9     sing N N 22  
DA  "C1'" "H1'"  sing N N 23  
DA  N9    C8     sing Y N 24  
DA  N9    C4     sing Y N 25  
DA  C8    N7     doub Y N 26  
DA  C8    H8     sing N N 27  
DA  N7    C5     sing Y N 28  
DA  C5    C6     sing Y N 29  
DA  C5    C4     doub Y N 30  
DA  C6    N6     sing N N 31  
DA  C6    N1     doub Y N 32  
DA  N6    H61    sing N N 33  
DA  N6    H62    sing N N 34  
DA  N1    C2     sing Y N 35  
DA  C2    N3     doub Y N 36  
DA  C2    H2     sing N N 37  
DA  N3    C4     sing Y N 38  
DC  OP3   P      sing N N 39  
DC  OP3   HOP3   sing N N 40  
DC  P     OP1    doub N N 41  
DC  P     OP2    sing N N 42  
DC  P     "O5'"  sing N N 43  
DC  OP2   HOP2   sing N N 44  
DC  "O5'" "C5'"  sing N N 45  
DC  "C5'" "C4'"  sing N N 46  
DC  "C5'" "H5'"  sing N N 47  
DC  "C5'" "H5''" sing N N 48  
DC  "C4'" "O4'"  sing N N 49  
DC  "C4'" "C3'"  sing N N 50  
DC  "C4'" "H4'"  sing N N 51  
DC  "O4'" "C1'"  sing N N 52  
DC  "C3'" "O3'"  sing N N 53  
DC  "C3'" "C2'"  sing N N 54  
DC  "C3'" "H3'"  sing N N 55  
DC  "O3'" "HO3'" sing N N 56  
DC  "C2'" "C1'"  sing N N 57  
DC  "C2'" "H2'"  sing N N 58  
DC  "C2'" "H2''" sing N N 59  
DC  "C1'" N1     sing N N 60  
DC  "C1'" "H1'"  sing N N 61  
DC  N1    C2     sing N N 62  
DC  N1    C6     sing N N 63  
DC  C2    O2     doub N N 64  
DC  C2    N3     sing N N 65  
DC  N3    C4     doub N N 66  
DC  C4    N4     sing N N 67  
DC  C4    C5     sing N N 68  
DC  N4    H41    sing N N 69  
DC  N4    H42    sing N N 70  
DC  C5    C6     doub N N 71  
DC  C5    H5     sing N N 72  
DC  C6    H6     sing N N 73  
DG  OP3   P      sing N N 74  
DG  OP3   HOP3   sing N N 75  
DG  P     OP1    doub N N 76  
DG  P     OP2    sing N N 77  
DG  P     "O5'"  sing N N 78  
DG  OP2   HOP2   sing N N 79  
DG  "O5'" "C5'"  sing N N 80  
DG  "C5'" "C4'"  sing N N 81  
DG  "C5'" "H5'"  sing N N 82  
DG  "C5'" "H5''" sing N N 83  
DG  "C4'" "O4'"  sing N N 84  
DG  "C4'" "C3'"  sing N N 85  
DG  "C4'" "H4'"  sing N N 86  
DG  "O4'" "C1'"  sing N N 87  
DG  "C3'" "O3'"  sing N N 88  
DG  "C3'" "C2'"  sing N N 89  
DG  "C3'" "H3'"  sing N N 90  
DG  "O3'" "HO3'" sing N N 91  
DG  "C2'" "C1'"  sing N N 92  
DG  "C2'" "H2'"  sing N N 93  
DG  "C2'" "H2''" sing N N 94  
DG  "C1'" N9     sing N N 95  
DG  "C1'" "H1'"  sing N N 96  
DG  N9    C8     sing Y N 97  
DG  N9    C4     sing Y N 98  
DG  C8    N7     doub Y N 99  
DG  C8    H8     sing N N 100 
DG  N7    C5     sing Y N 101 
DG  C5    C6     sing N N 102 
DG  C5    C4     doub Y N 103 
DG  C6    O6     doub N N 104 
DG  C6    N1     sing N N 105 
DG  N1    C2     sing N N 106 
DG  N1    H1     sing N N 107 
DG  C2    N2     sing N N 108 
DG  C2    N3     doub N N 109 
DG  N2    H21    sing N N 110 
DG  N2    H22    sing N N 111 
DG  N3    C4     sing N N 112 
DT  OP3   P      sing N N 113 
DT  OP3   HOP3   sing N N 114 
DT  P     OP1    doub N N 115 
DT  P     OP2    sing N N 116 
DT  P     "O5'"  sing N N 117 
DT  OP2   HOP2   sing N N 118 
DT  "O5'" "C5'"  sing N N 119 
DT  "C5'" "C4'"  sing N N 120 
DT  "C5'" "H5'"  sing N N 121 
DT  "C5'" "H5''" sing N N 122 
DT  "C4'" "O4'"  sing N N 123 
DT  "C4'" "C3'"  sing N N 124 
DT  "C4'" "H4'"  sing N N 125 
DT  "O4'" "C1'"  sing N N 126 
DT  "C3'" "O3'"  sing N N 127 
DT  "C3'" "C2'"  sing N N 128 
DT  "C3'" "H3'"  sing N N 129 
DT  "O3'" "HO3'" sing N N 130 
DT  "C2'" "C1'"  sing N N 131 
DT  "C2'" "H2'"  sing N N 132 
DT  "C2'" "H2''" sing N N 133 
DT  "C1'" N1     sing N N 134 
DT  "C1'" "H1'"  sing N N 135 
DT  N1    C2     sing N N 136 
DT  N1    C6     sing N N 137 
DT  C2    O2     doub N N 138 
DT  C2    N3     sing N N 139 
DT  N3    C4     sing N N 140 
DT  N3    H3     sing N N 141 
DT  C4    O4     doub N N 142 
DT  C4    C5     sing N N 143 
DT  C5    C7     sing N N 144 
DT  C5    C6     doub N N 145 
DT  C7    H71    sing N N 146 
DT  C7    H72    sing N N 147 
DT  C7    H73    sing N N 148 
DT  C6    H6     sing N N 149 
TME C1    C2     sing N N 150 
TME C1    H11    sing N N 151 
TME C1    H12    sing N N 152 
TME C1    H13    sing N N 153 
TME C2    C3     sing N N 154 
TME C2    H21    sing N N 155 
TME C2    H22    sing N N 156 
TME C3    H31    sing N N 157 
TME C3    H32    sing N N 158 
TME C3    H33    sing N N 159 
# 
_ndb_struct_conf_na.entry_id   2KNL 
_ndb_struct_conf_na.feature    'b-form double helix' 
# 
loop_
_ndb_struct_na_base_pair.model_number 
_ndb_struct_na_base_pair.i_label_asym_id 
_ndb_struct_na_base_pair.i_label_comp_id 
_ndb_struct_na_base_pair.i_label_seq_id 
_ndb_struct_na_base_pair.i_symmetry 
_ndb_struct_na_base_pair.j_label_asym_id 
_ndb_struct_na_base_pair.j_label_comp_id 
_ndb_struct_na_base_pair.j_label_seq_id 
_ndb_struct_na_base_pair.j_symmetry 
_ndb_struct_na_base_pair.shear 
_ndb_struct_na_base_pair.stretch 
_ndb_struct_na_base_pair.stagger 
_ndb_struct_na_base_pair.buckle 
_ndb_struct_na_base_pair.propeller 
_ndb_struct_na_base_pair.opening 
_ndb_struct_na_base_pair.pair_number 
_ndb_struct_na_base_pair.pair_name 
_ndb_struct_na_base_pair.i_auth_asym_id 
_ndb_struct_na_base_pair.i_auth_seq_id 
_ndb_struct_na_base_pair.i_PDB_ins_code 
_ndb_struct_na_base_pair.j_auth_asym_id 
_ndb_struct_na_base_pair.j_auth_seq_id 
_ndb_struct_na_base_pair.j_PDB_ins_code 
_ndb_struct_na_base_pair.hbond_type_28 
_ndb_struct_na_base_pair.hbond_type_12 
1 A DT 1 1_555 B DA 8 1_555 -0.216 0.019  0.316  -12.077 -8.694  0.119  1 A_DT1:DA16_B A 1 ? B 16 ? 20 1 
1 A DC 2 1_555 B DG 7 1_555 0.360  -0.129 -0.012 -4.457  -20.547 -0.140 2 A_DC2:DG15_B A 2 ? B 15 ? 19 1 
1 A DC 3 1_555 B DG 6 1_555 0.433  -0.141 0.254  -14.691 -11.650 -1.014 3 A_DC3:DG14_B A 3 ? B 14 ? 19 1 
1 A DG 4 1_555 B DC 5 1_555 -0.603 -0.213 0.420  1.467   11.518  -0.545 4 A_DG4:DC13_B A 4 ? B 13 ? 19 1 
1 A DC 5 1_555 B DG 4 1_555 0.519  -0.166 0.444  -2.937  10.444  1.183  5 A_DC5:DG12_B A 5 ? B 12 ? 19 1 
1 A DG 6 1_555 B DC 3 1_555 -0.394 -0.122 0.137  11.627  -12.616 -0.935 6 A_DG6:DC11_B A 6 ? B 11 ? 19 1 
1 A DG 7 1_555 B DC 2 1_555 -0.370 -0.131 -0.030 3.965   -19.394 -0.351 7 A_DG7:DC10_B A 7 ? B 10 ? 19 1 
1 A DA 8 1_555 B DT 1 1_555 0.193  0.016  0.198  10.200  -8.811  0.642  8 A_DA8:DT9_B  A 8 ? B 9  ? 20 1 
# 
loop_
_ndb_struct_na_base_pair_step.model_number 
_ndb_struct_na_base_pair_step.i_label_asym_id_1 
_ndb_struct_na_base_pair_step.i_label_comp_id_1 
_ndb_struct_na_base_pair_step.i_label_seq_id_1 
_ndb_struct_na_base_pair_step.i_symmetry_1 
_ndb_struct_na_base_pair_step.j_label_asym_id_1 
_ndb_struct_na_base_pair_step.j_label_comp_id_1 
_ndb_struct_na_base_pair_step.j_label_seq_id_1 
_ndb_struct_na_base_pair_step.j_symmetry_1 
_ndb_struct_na_base_pair_step.i_label_asym_id_2 
_ndb_struct_na_base_pair_step.i_label_comp_id_2 
_ndb_struct_na_base_pair_step.i_label_seq_id_2 
_ndb_struct_na_base_pair_step.i_symmetry_2 
_ndb_struct_na_base_pair_step.j_label_asym_id_2 
_ndb_struct_na_base_pair_step.j_label_comp_id_2 
_ndb_struct_na_base_pair_step.j_label_seq_id_2 
_ndb_struct_na_base_pair_step.j_symmetry_2 
_ndb_struct_na_base_pair_step.shift 
_ndb_struct_na_base_pair_step.slide 
_ndb_struct_na_base_pair_step.rise 
_ndb_struct_na_base_pair_step.tilt 
_ndb_struct_na_base_pair_step.roll 
_ndb_struct_na_base_pair_step.twist 
_ndb_struct_na_base_pair_step.x_displacement 
_ndb_struct_na_base_pair_step.y_displacement 
_ndb_struct_na_base_pair_step.helical_rise 
_ndb_struct_na_base_pair_step.inclination 
_ndb_struct_na_base_pair_step.tip 
_ndb_struct_na_base_pair_step.helical_twist 
_ndb_struct_na_base_pair_step.step_number 
_ndb_struct_na_base_pair_step.step_name 
_ndb_struct_na_base_pair_step.i_auth_asym_id_1 
_ndb_struct_na_base_pair_step.i_auth_seq_id_1 
_ndb_struct_na_base_pair_step.i_PDB_ins_code_1 
_ndb_struct_na_base_pair_step.j_auth_asym_id_1 
_ndb_struct_na_base_pair_step.j_auth_seq_id_1 
_ndb_struct_na_base_pair_step.j_PDB_ins_code_1 
_ndb_struct_na_base_pair_step.i_auth_asym_id_2 
_ndb_struct_na_base_pair_step.i_auth_seq_id_2 
_ndb_struct_na_base_pair_step.i_PDB_ins_code_2 
_ndb_struct_na_base_pair_step.j_auth_asym_id_2 
_ndb_struct_na_base_pair_step.j_auth_seq_id_2 
_ndb_struct_na_base_pair_step.j_PDB_ins_code_2 
1 A DT 1 1_555 B DA 8 1_555 A DC 2 1_555 B DG 7 1_555 -0.112 -0.037 3.147 2.893  -2.674 35.386 0.313  0.588  3.123 -4.383 -4.741 
35.597 1 AA_DT1DC2:DG15DA16_BB A 1 ? B 16 ? A 2 ? B 15 ? 
1 A DC 2 1_555 B DG 7 1_555 A DC 3 1_555 B DG 6 1_555 -0.062 0.153  3.590 -1.566 7.610  35.683 -0.918 -0.141 3.546 12.241 2.519  
36.492 2 AA_DC2DC3:DG14DG15_BB A 2 ? B 15 ? A 3 ? B 14 ? 
1 A DC 3 1_555 B DG 6 1_555 A DG 4 1_555 B DC 5 1_555 0.237  0.255  3.027 -3.558 8.278  29.056 -1.063 -1.118 2.937 16.020 6.885  
30.392 3 AA_DC3DG4:DC13DG14_BB A 3 ? B 14 ? A 4 ? B 13 ? 
1 A DG 4 1_555 B DC 5 1_555 A DC 5 1_555 B DG 4 1_555 0.088  0.273  3.778 0.101  0.002  34.867 0.455  -0.130 3.778 0.003  -0.168 
34.867 4 AA_DG4DC5:DG12DC13_BB A 4 ? B 13 ? A 5 ? B 12 ? 
1 A DC 5 1_555 B DG 4 1_555 A DG 6 1_555 B DC 3 1_555 -0.353 0.348  3.121 3.739  9.176  31.050 -0.923 1.260  3.036 16.619 -6.772 
32.555 5 AA_DC5DG6:DC11DG12_BB A 5 ? B 12 ? A 6 ? B 11 ? 
1 A DG 6 1_555 B DC 3 1_555 A DG 7 1_555 B DC 2 1_555 0.159  0.076  3.531 1.067  6.573  35.629 -0.877 -0.093 3.492 10.627 -1.726 
36.226 6 AA_DG6DG7:DC10DC11_BB A 6 ? B 11 ? A 7 ? B 10 ? 
1 A DG 7 1_555 B DC 2 1_555 A DA 8 1_555 B DT 1 1_555 0.131  -0.022 3.194 -1.722 -1.863 34.788 0.239  -0.473 3.181 -3.112 2.875  
34.878 7 AA_DG7DA8:DT9DC10_BB  A 7 ? B 10 ? A 8 ? B 9  ? 
# 
_pdbx_nmr_spectrometer.field_strength    500 
_pdbx_nmr_spectrometer.manufacturer      Bruker 
_pdbx_nmr_spectrometer.model             AVANCE 
_pdbx_nmr_spectrometer.spectrometer_id   1 
_pdbx_nmr_spectrometer.type              'Bruker Avance' 
# 
_atom_sites.entry_id                    2KNL 
_atom_sites.fract_transf_matrix[1][1]   1.000000 
_atom_sites.fract_transf_matrix[1][2]   0.000000 
_atom_sites.fract_transf_matrix[1][3]   0.000000 
_atom_sites.fract_transf_matrix[2][1]   0.000000 
_atom_sites.fract_transf_matrix[2][2]   1.000000 
_atom_sites.fract_transf_matrix[2][3]   0.000000 
_atom_sites.fract_transf_matrix[3][1]   0.000000 
_atom_sites.fract_transf_matrix[3][2]   0.000000 
_atom_sites.fract_transf_matrix[3][3]   1.000000 
_atom_sites.fract_transf_vector[1]      0.00000 
_atom_sites.fract_transf_vector[2]      0.00000 
_atom_sites.fract_transf_vector[3]      0.00000 
# 
loop_
_atom_type.symbol 
C 
H 
N 
O 
P 
# 
loop_
_atom_site.group_PDB 
_atom_site.id 
_atom_site.type_symbol 
_atom_site.label_atom_id 
_atom_site.label_alt_id 
_atom_site.label_comp_id 
_atom_site.label_asym_id 
_atom_site.label_entity_id 
_atom_site.label_seq_id 
_atom_site.pdbx_PDB_ins_code 
_atom_site.Cartn_x 
_atom_site.Cartn_y 
_atom_site.Cartn_z 
_atom_site.occupancy 
_atom_site.B_iso_or_equiv 
_atom_site.pdbx_formal_charge 
_atom_site.auth_seq_id 
_atom_site.auth_comp_id 
_atom_site.auth_asym_id 
_atom_site.auth_atom_id 
_atom_site.pdbx_PDB_model_num 
ATOM   1   O "O5'"  . DT  A 1 1 ? -4.321  -8.840  13.951  1.00 0.00 ? 1  DT  A "O5'"  1 
ATOM   2   C "C5'"  . DT  A 1 1 ? -4.573  -7.600  13.291  1.00 0.00 ? 1  DT  A "C5'"  1 
ATOM   3   C "C4'"  . DT  A 1 1 ? -3.302  -6.739  13.190  1.00 0.00 ? 1  DT  A "C4'"  1 
ATOM   4   O "O4'"  . DT  A 1 1 ? -2.342  -7.386  12.359  1.00 0.00 ? 1  DT  A "O4'"  1 
ATOM   5   C "C3'"  . DT  A 1 1 ? -3.603  -5.350  12.597  1.00 0.00 ? 1  DT  A "C3'"  1 
ATOM   6   O "O3'"  . DT  A 1 1 ? -3.111  -4.354  13.488  1.00 0.00 ? 1  DT  A "O3'"  1 
ATOM   7   C "C2'"  . DT  A 1 1 ? -2.910  -5.385  11.231  1.00 0.00 ? 1  DT  A "C2'"  1 
ATOM   8   C "C1'"  . DT  A 1 1 ? -1.876  -6.504  11.352  1.00 0.00 ? 1  DT  A "C1'"  1 
ATOM   9   N N1     . DT  A 1 1 ? -1.697  -7.287  10.095  1.00 0.00 ? 1  DT  A N1     1 
ATOM   10  C C2     . DT  A 1 1 ? -0.408  -7.422  9.562   1.00 0.00 ? 1  DT  A C2     1 
ATOM   11  O O2     . DT  A 1 1 ? 0.596   -6.888  10.036  1.00 0.00 ? 1  DT  A O2     1 
ATOM   12  N N3     . DT  A 1 1 ? -0.279  -8.214  8.446   1.00 0.00 ? 1  DT  A N3     1 
ATOM   13  C C4     . DT  A 1 1 ? -1.288  -8.915  7.825   1.00 0.00 ? 1  DT  A C4     1 
ATOM   14  O O4     . DT  A 1 1 ? -1.005  -9.626  6.862   1.00 0.00 ? 1  DT  A O4     1 
ATOM   15  C C5     . DT  A 1 1 ? -2.611  -8.734  8.426   1.00 0.00 ? 1  DT  A C5     1 
ATOM   16  C C7     . DT  A 1 1 ? -3.819  -9.451  7.845   1.00 0.00 ? 1  DT  A C7     1 
ATOM   17  C C6     . DT  A 1 1 ? -2.771  -7.942  9.517   1.00 0.00 ? 1  DT  A C6     1 
ATOM   18  H "H5'"  . DT  A 1 1 ? -5.323  -7.043  13.857  1.00 0.00 ? 1  DT  A "H5'"  1 
ATOM   19  H "H5''" . DT  A 1 1 ? -4.962  -7.780  12.286  1.00 0.00 ? 1  DT  A "H5''" 1 
ATOM   20  H "H4'"  . DT  A 1 1 ? -2.885  -6.614  14.191  1.00 0.00 ? 1  DT  A "H4'"  1 
ATOM   21  H "H3'"  . DT  A 1 1 ? -4.679  -5.216  12.459  1.00 0.00 ? 1  DT  A "H3'"  1 
ATOM   22  H "H2'"  . DT  A 1 1 ? -3.649  -5.604  10.460  1.00 0.00 ? 1  DT  A "H2'"  1 
ATOM   23  H "H2''" . DT  A 1 1 ? -2.420  -4.447  10.990  1.00 0.00 ? 1  DT  A "H2''" 1 
ATOM   24  H "H1'"  . DT  A 1 1 ? -0.926  -6.063  11.673  1.00 0.00 ? 1  DT  A "H1'"  1 
ATOM   25  H H3     . DT  A 1 1 ? 0.651   -8.325  8.069   1.00 0.00 ? 1  DT  A H3     1 
ATOM   26  H H71    . DT  A 1 1 ? -3.918  -9.198  6.789   1.00 0.00 ? 1  DT  A H71    1 
ATOM   27  H H72    . DT  A 1 1 ? -3.675  -10.529 7.929   1.00 0.00 ? 1  DT  A H72    1 
ATOM   28  H H73    . DT  A 1 1 ? -4.734  -9.169  8.367   1.00 0.00 ? 1  DT  A H73    1 
ATOM   29  H H6     . DT  A 1 1 ? -3.750  -7.846  9.969   1.00 0.00 ? 1  DT  A H6     1 
ATOM   30  H "HO5'" . DT  A 1 1 ? -5.121  -9.408  13.908  1.00 0.00 ? 1  DT  A "HO5'" 1 
ATOM   31  P P      . DC  A 1 2 ? -3.243  -2.766  13.216  1.00 0.00 ? 2  DC  A P      1 
ATOM   32  O OP1    . DC  A 1 2 ? -3.216  -2.073  14.527  1.00 0.00 ? 2  DC  A OP1    1 
ATOM   33  O OP2    . DC  A 1 2 ? -4.384  -2.522  12.296  1.00 0.00 ? 2  DC  A OP2    1 
ATOM   34  O "O5'"  . DC  A 1 2 ? -1.873  -2.441  12.437  1.00 0.00 ? 2  DC  A "O5'"  1 
ATOM   35  C "C5'"  . DC  A 1 2 ? -0.615  -2.735  13.037  1.00 0.00 ? 2  DC  A "C5'"  1 
ATOM   36  C "C4'"  . DC  A 1 2 ? 0.532   -2.771  12.020  1.00 0.00 ? 2  DC  A "C4'"  1 
ATOM   37  O "O4'"  . DC  A 1 2 ? 0.279   -3.725  10.998  1.00 0.00 ? 2  DC  A "O4'"  1 
ATOM   38  C "C3'"  . DC  A 1 2 ? 0.819   -1.420  11.351  1.00 0.00 ? 2  DC  A "C3'"  1 
ATOM   39  O "O3'"  . DC  A 1 2 ? 2.038   -0.898  11.879  1.00 0.00 ? 2  DC  A "O3'"  1 
ATOM   40  C "C2'"  . DC  A 1 2 ? 0.901   -1.782  9.865   1.00 0.00 ? 2  DC  A "C2'"  1 
ATOM   41  C "C1'"  . DC  A 1 2 ? 0.980   -3.308  9.841   1.00 0.00 ? 2  DC  A "C1'"  1 
ATOM   42  N N1     . DC  A 1 2 ? 0.370   -3.920  8.626   1.00 0.00 ? 2  DC  A N1     1 
ATOM   43  C C2     . DC  A 1 2 ? 1.181   -4.633  7.731   1.00 0.00 ? 2  DC  A C2     1 
ATOM   44  O O2     . DC  A 1 2 ? 2.410   -4.637  7.806   1.00 0.00 ? 2  DC  A O2     1 
ATOM   45  N N3     . DC  A 1 2 ? 0.630   -5.349  6.721   1.00 0.00 ? 2  DC  A N3     1 
ATOM   46  C C4     . DC  A 1 2 ? -0.676  -5.318  6.569   1.00 0.00 ? 2  DC  A C4     1 
ATOM   47  N N4     . DC  A 1 2 ? -1.152  -6.069  5.619   1.00 0.00 ? 2  DC  A N4     1 
ATOM   48  C C5     . DC  A 1 2 ? -1.548  -4.554  7.392   1.00 0.00 ? 2  DC  A C5     1 
ATOM   49  C C6     . DC  A 1 2 ? -0.986  -3.859  8.416   1.00 0.00 ? 2  DC  A C6     1 
ATOM   50  H "H5'"  . DC  A 1 2 ? -0.657  -3.713  13.517  1.00 0.00 ? 2  DC  A "H5'"  1 
ATOM   51  H "H5''" . DC  A 1 2 ? -0.392  -1.991  13.804  1.00 0.00 ? 2  DC  A "H5''" 1 
ATOM   52  H "H4'"  . DC  A 1 2 ? 1.435   -3.081  12.549  1.00 0.00 ? 2  DC  A "H4'"  1 
ATOM   53  H "H3'"  . DC  A 1 2 ? -0.009  -0.729  11.525  1.00 0.00 ? 2  DC  A "H3'"  1 
ATOM   54  H "H2'"  . DC  A 1 2 ? 0.003   -1.427  9.358   1.00 0.00 ? 2  DC  A "H2'"  1 
ATOM   55  H "H2''" . DC  A 1 2 ? 1.786   -1.365  9.395   1.00 0.00 ? 2  DC  A "H2''" 1 
ATOM   56  H "H1'"  . DC  A 1 2 ? 2.031   -3.605  9.931   1.00 0.00 ? 2  DC  A "H1'"  1 
ATOM   57  H H41    . DC  A 1 2 ? -2.138  -6.077  5.430   1.00 0.00 ? 2  DC  A H41    1 
ATOM   58  H H42    . DC  A 1 2 ? -0.492  -6.612  5.073   1.00 0.00 ? 2  DC  A H42    1 
ATOM   59  H H5     . DC  A 1 2 ? -2.615  -4.525  7.240   1.00 0.00 ? 2  DC  A H5     1 
ATOM   60  H H6     . DC  A 1 2 ? -1.601  -3.273  9.091   1.00 0.00 ? 2  DC  A H6     1 
ATOM   61  P P      . DC  A 1 3 ? 2.589   0.582   11.538  1.00 0.00 ? 3  DC  A P      1 
ATOM   62  O OP1    . DC  A 1 3 ? 3.535   0.967   12.618  1.00 0.00 ? 3  DC  A OP1    1 
ATOM   63  O OP2    . DC  A 1 3 ? 1.440   1.470   11.247  1.00 0.00 ? 3  DC  A OP2    1 
ATOM   64  O "O5'"  . DC  A 1 3 ? 3.431   0.379   10.179  1.00 0.00 ? 3  DC  A "O5'"  1 
ATOM   65  C "C5'"  . DC  A 1 3 ? 4.597   -0.439  10.154  1.00 0.00 ? 3  DC  A "C5'"  1 
ATOM   66  C "C4'"  . DC  A 1 3 ? 5.135   -0.674  8.735   1.00 0.00 ? 3  DC  A "C4'"  1 
ATOM   67  O "O4'"  . DC  A 1 3 ? 4.206   -1.443  7.978   1.00 0.00 ? 3  DC  A "O4'"  1 
ATOM   68  C "C3'"  . DC  A 1 3 ? 5.427   0.623   7.960   1.00 0.00 ? 3  DC  A "C3'"  1 
ATOM   69  O "O3'"  . DC  A 1 3 ? 6.765   0.592   7.466   1.00 0.00 ? 3  DC  A "O3'"  1 
ATOM   70  C "C2'"  . DC  A 1 3 ? 4.387   0.594   6.841   1.00 0.00 ? 3  DC  A "C2'"  1 
ATOM   71  C "C1'"  . DC  A 1 3 ? 4.144   -0.905  6.670   1.00 0.00 ? 3  DC  A "C1'"  1 
ATOM   72  N N1     . DC  A 1 3 ? 2.832   -1.243  6.051   1.00 0.00 ? 3  DC  A N1     1 
ATOM   73  C C2     . DC  A 1 3 ? 2.803   -2.046  4.904   1.00 0.00 ? 3  DC  A C2     1 
ATOM   74  O O2     . DC  A 1 3 ? 3.825   -2.345  4.284   1.00 0.00 ? 3  DC  A O2     1 
ATOM   75  N N3     . DC  A 1 3 ? 1.634   -2.525  4.422   1.00 0.00 ? 3  DC  A N3     1 
ATOM   76  C C4     . DC  A 1 3 ? 0.515   -2.167  5.019   1.00 0.00 ? 3  DC  A C4     1 
ATOM   77  N N4     . DC  A 1 3 ? -0.574  -2.700  4.551   1.00 0.00 ? 3  DC  A N4     1 
ATOM   78  C C5     . DC  A 1 3 ? 0.467   -1.294  6.139   1.00 0.00 ? 3  DC  A C5     1 
ATOM   79  C C6     . DC  A 1 3 ? 1.648   -0.844  6.627   1.00 0.00 ? 3  DC  A C6     1 
ATOM   80  H "H5'"  . DC  A 1 3 ? 4.370   -1.411  10.597  1.00 0.00 ? 3  DC  A "H5'"  1 
ATOM   81  H "H5''" . DC  A 1 3 ? 5.381   0.030   10.753  1.00 0.00 ? 3  DC  A "H5''" 1 
ATOM   82  H "H4'"  . DC  A 1 3 ? 6.066   -1.239  8.820   1.00 0.00 ? 3  DC  A "H4'"  1 
ATOM   83  H "H3'"  . DC  A 1 3 ? 5.275   1.493   8.602   1.00 0.00 ? 3  DC  A "H3'"  1 
ATOM   84  H "H2'"  . DC  A 1 3 ? 3.487   1.109   7.175   1.00 0.00 ? 3  DC  A "H2'"  1 
ATOM   85  H "H2''" . DC  A 1 3 ? 4.753   1.039   5.918   1.00 0.00 ? 3  DC  A "H2''" 1 
ATOM   86  H "H1'"  . DC  A 1 3 ? 4.966   -1.318  6.075   1.00 0.00 ? 3  DC  A "H1'"  1 
ATOM   87  H H41    . DC  A 1 3 ? -1.461  -2.472  4.959   1.00 0.00 ? 3  DC  A H41    1 
ATOM   88  H H42    . DC  A 1 3 ? -0.475  -3.372  3.798   1.00 0.00 ? 3  DC  A H42    1 
ATOM   89  H H5     . DC  A 1 3 ? -0.462  -0.997  6.602   1.00 0.00 ? 3  DC  A H5     1 
ATOM   90  H H6     . DC  A 1 3 ? 1.674   -0.187  7.491   1.00 0.00 ? 3  DC  A H6     1 
ATOM   91  P P      . DG  A 1 4 ? 7.478   1.885   6.817   1.00 0.00 ? 4  DG  A P      1 
ATOM   92  O OP1    . DG  A 1 4 ? 8.939   1.762   7.048   1.00 0.00 ? 4  DG  A OP1    1 
ATOM   93  O OP2    . DG  A 1 4 ? 6.789   3.104   7.307   1.00 0.00 ? 4  DG  A OP2    1 
ATOM   94  O "O5'"  . DG  A 1 4 ? 7.188   1.768   5.235   1.00 0.00 ? 4  DG  A "O5'"  1 
ATOM   95  C "C5'"  . DG  A 1 4 ? 7.927   0.917   4.365   1.00 0.00 ? 4  DG  A "C5'"  1 
ATOM   96  C "C4'"  . DG  A 1 4 ? 7.643   1.214   2.874   1.00 0.00 ? 4  DG  A "C4'"  1 
ATOM   97  O "O4'"  . DG  A 1 4 ? 6.423   0.579   2.488   1.00 0.00 ? 4  DG  A "O4'"  1 
ATOM   98  C "C3'"  . DG  A 1 4 ? 7.490   2.725   2.575   1.00 0.00 ? 4  DG  A "C3'"  1 
ATOM   99  O "O3'"  . DG  A 1 4 ? 7.765   3.158   1.248   1.00 0.00 ? 4  DG  A "O3'"  1 
ATOM   100 C "C2'"  . DG  A 1 4 ? 5.974   2.873   2.651   1.00 0.00 ? 4  DG  A "C2'"  1 
ATOM   101 C "C1'"  . DG  A 1 4 ? 5.526   1.562   1.991   1.00 0.00 ? 4  DG  A "C1'"  1 
ATOM   102 N N9     . DG  A 1 4 ? 4.117   1.196   2.282   1.00 0.00 ? 4  DG  A N9     1 
ATOM   103 C C8     . DG  A 1 4 ? 3.358   1.614   3.350   1.00 0.00 ? 4  DG  A C8     1 
ATOM   104 N N7     . DG  A 1 4 ? 2.158   1.114   3.394   1.00 0.00 ? 4  DG  A N7     1 
ATOM   105 C C5     . DG  A 1 4 ? 2.103   0.312   2.250   1.00 0.00 ? 4  DG  A C5     1 
ATOM   106 C C6     . DG  A 1 4 ? 1.037   -0.503  1.739   1.00 0.00 ? 4  DG  A C6     1 
ATOM   107 O O6     . DG  A 1 4 ? -0.106  -0.648  2.167   1.00 0.00 ? 4  DG  A O6     1 
ATOM   108 N N1     . DG  A 1 4 ? 1.377   -1.212  0.611   1.00 0.00 ? 4  DG  A N1     1 
ATOM   109 C C2     . DG  A 1 4 ? 2.534   -1.050  -0.083  1.00 0.00 ? 4  DG  A C2     1 
ATOM   110 N N2     . DG  A 1 4 ? 2.544   -1.707  -1.241  1.00 0.00 ? 4  DG  A N2     1 
ATOM   111 N N3     . DG  A 1 4 ? 3.535   -0.244  0.329   1.00 0.00 ? 4  DG  A N3     1 
ATOM   112 C C4     . DG  A 1 4 ? 3.281   0.378   1.531   1.00 0.00 ? 4  DG  A C4     1 
ATOM   113 H "H5'"  . DG  A 1 4 ? 7.693   -0.127  4.574   1.00 0.00 ? 4  DG  A "H5'"  1 
ATOM   114 H "H5''" . DG  A 1 4 ? 8.994   1.066   4.534   1.00 0.00 ? 4  DG  A "H5''" 1 
ATOM   115 H "H4'"  . DG  A 1 4 ? 8.459   0.801   2.286   1.00 0.00 ? 4  DG  A "H4'"  1 
ATOM   116 H "H3'"  . DG  A 1 4 ? 7.993   3.343   3.324   1.00 0.00 ? 4  DG  A "H3'"  1 
ATOM   117 H "H2'"  . DG  A 1 4 ? 5.665   2.944   3.693   1.00 0.00 ? 4  DG  A "H2'"  1 
ATOM   118 H "H2''" . DG  A 1 4 ? 5.612   3.742   2.104   1.00 0.00 ? 4  DG  A "H2''" 1 
ATOM   119 H "H1'"  . DG  A 1 4 ? 5.661   1.647   0.907   1.00 0.00 ? 4  DG  A "H1'"  1 
ATOM   120 H H8     . DG  A 1 4 ? 3.733   2.290   4.108   1.00 0.00 ? 4  DG  A H8     1 
ATOM   121 H H1     . DG  A 1 4 ? 0.679   -1.845  0.256   1.00 0.00 ? 4  DG  A H1     1 
ATOM   122 H H22    . DG  A 1 4 ? 1.806   -2.393  -1.375  1.00 0.00 ? 4  DG  A H22    1 
ATOM   123 P P      . DC  A 1 5 ? 9.202   3.213   0.536   1.00 0.00 ? 5  DC  A P      1 
ATOM   124 O OP1    . DC  A 1 5 ? 9.906   1.931   0.689   1.00 0.00 ? 5  DC  A OP1    1 
ATOM   125 O OP2    . DC  A 1 5 ? 9.892   4.489   0.894   1.00 0.00 ? 5  DC  A OP2    1 
ATOM   126 O "O5'"  . DC  A 1 5 ? 8.638   3.362   -0.959  1.00 0.00 ? 5  DC  A "O5'"  1 
ATOM   127 C "C5'"  . DC  A 1 5 ? 8.521   2.253   -1.844  1.00 0.00 ? 5  DC  A "C5'"  1 
ATOM   128 C "C4'"  . DC  A 1 5 ? 7.211   2.303   -2.640  1.00 0.00 ? 5  DC  A "C4'"  1 
ATOM   129 O "O4'"  . DC  A 1 5 ? 6.048   2.076   -1.849  1.00 0.00 ? 5  DC  A "O4'"  1 
ATOM   130 C "C3'"  . DC  A 1 5 ? 7.008   3.642   -3.355  1.00 0.00 ? 5  DC  A "C3'"  1 
ATOM   131 O "O3'"  . DC  A 1 5 ? 7.543   3.552   -4.671  1.00 0.00 ? 5  DC  A "O3'"  1 
ATOM   132 C "C2'"  . DC  A 1 5 ? 5.492   3.854   -3.279  1.00 0.00 ? 5  DC  A "C2'"  1 
ATOM   133 C "C1'"  . DC  A 1 5 ? 4.943   2.620   -2.551  1.00 0.00 ? 5  DC  A "C1'"  1 
ATOM   134 N N1     . DC  A 1 5 ? 3.819   2.916   -1.610  1.00 0.00 ? 5  DC  A N1     1 
ATOM   135 C C2     . DC  A 1 5 ? 2.553   2.382   -1.876  1.00 0.00 ? 5  DC  A C2     1 
ATOM   136 O O2     . DC  A 1 5 ? 2.305   1.784   -2.923  1.00 0.00 ? 5  DC  A O2     1 
ATOM   137 N N3     . DC  A 1 5 ? 1.534   2.509   -1.000  1.00 0.00 ? 5  DC  A N3     1 
ATOM   138 C C4     . DC  A 1 5 ? 1.731   3.239   0.076   1.00 0.00 ? 5  DC  A C4     1 
ATOM   139 N N4     . DC  A 1 5 ? 0.711   3.329   0.876   1.00 0.00 ? 5  DC  A N4     1 
ATOM   140 C C5     . DC  A 1 5 ? 2.967   3.878   0.379   1.00 0.00 ? 5  DC  A C5     1 
ATOM   141 C C6     . DC  A 1 5 ? 3.999   3.687   -0.482  1.00 0.00 ? 5  DC  A C6     1 
ATOM   142 H "H5'"  . DC  A 1 5 ? 8.567   1.296   -1.333  1.00 0.00 ? 5  DC  A "H5'"  1 
ATOM   143 H "H5''" . DC  A 1 5 ? 9.355   2.319   -2.548  1.00 0.00 ? 5  DC  A "H5''" 1 
ATOM   144 H "H4'"  . DC  A 1 5 ? 7.263   1.518   -3.397  1.00 0.00 ? 5  DC  A "H4'"  1 
ATOM   145 H "H3'"  . DC  A 1 5 ? 7.485   4.456   -2.804  1.00 0.00 ? 5  DC  A "H3'"  1 
ATOM   146 H "H2'"  . DC  A 1 5 ? 5.287   4.757   -2.699  1.00 0.00 ? 5  DC  A "H2'"  1 
ATOM   147 H "H2''" . DC  A 1 5 ? 5.056   3.935   -4.268  1.00 0.00 ? 5  DC  A "H2''" 1 
ATOM   148 H "H1'"  . DC  A 1 5 ? 4.609   1.907   -3.317  1.00 0.00 ? 5  DC  A "H1'"  1 
ATOM   149 H H41    . DC  A 1 5 ? 0.782   3.853   1.730   1.00 0.00 ? 5  DC  A H41    1 
ATOM   150 H H42    . DC  A 1 5 ? -0.138  2.846   0.604   1.00 0.00 ? 5  DC  A H42    1 
ATOM   151 H H5     . DC  A 1 5 ? 3.099   4.488   1.263   1.00 0.00 ? 5  DC  A H5     1 
ATOM   152 H H6     . DC  A 1 5 ? 4.976   4.127   -0.291  1.00 0.00 ? 5  DC  A H6     1 
ATOM   153 P P      . DG  A 1 6 ? 7.537   4.796   -5.699  1.00 0.00 ? 6  DG  A P      1 
ATOM   154 O OP1    . DG  A 1 6 ? 8.770   4.735   -6.518  1.00 0.00 ? 6  DG  A OP1    1 
ATOM   155 O OP2    . DG  A 1 6 ? 7.242   6.041   -4.942  1.00 0.00 ? 6  DG  A OP2    1 
ATOM   156 O "O5'"  . DG  A 1 6 ? 6.282   4.464   -6.644  1.00 0.00 ? 6  DG  A "O5'"  1 
ATOM   157 C "C5'"  . DG  A 1 6 ? 6.290   3.276   -7.437  1.00 0.00 ? 6  DG  A "C5'"  1 
ATOM   158 C "C4'"  . DG  A 1 6 ? 4.943   2.966   -8.085  1.00 0.00 ? 6  DG  A "C4'"  1 
ATOM   159 O "O4'"  . DG  A 1 6 ? 3.936   2.794   -7.097  1.00 0.00 ? 6  DG  A "O4'"  1 
ATOM   160 C "C3'"  . DG  A 1 6 ? 4.517   4.058   -9.069  1.00 0.00 ? 6  DG  A "C3'"  1 
ATOM   161 O "O3'"  . DG  A 1 6 ? 4.167   3.446   -10.303 1.00 0.00 ? 6  DG  A "O3'"  1 
ATOM   162 C "C2'"  . DG  A 1 6 ? 3.361   4.730   -8.333  1.00 0.00 ? 6  DG  A "C2'"  1 
ATOM   163 C "C1'"  . DG  A 1 6 ? 2.852   3.669   -7.354  1.00 0.00 ? 6  DG  A "C1'"  1 
ATOM   164 N N9     . DG  A 1 6 ? 2.361   4.238   -6.070  1.00 0.00 ? 6  DG  A N9     1 
ATOM   165 C C8     . DG  A 1 6 ? 2.969   5.168   -5.261  1.00 0.00 ? 6  DG  A C8     1 
ATOM   166 N N7     . DG  A 1 6 ? 2.326   5.437   -4.155  1.00 0.00 ? 6  DG  A N7     1 
ATOM   167 C C5     . DG  A 1 6 ? 1.173   4.648   -4.252  1.00 0.00 ? 6  DG  A C5     1 
ATOM   168 C C6     . DG  A 1 6 ? 0.041   4.509   -3.371  1.00 0.00 ? 6  DG  A C6     1 
ATOM   169 O O6     . DG  A 1 6 ? -0.175  5.050   -2.285  1.00 0.00 ? 6  DG  A O6     1 
ATOM   170 N N1     . DG  A 1 6 ? -0.927  3.655   -3.852  1.00 0.00 ? 6  DG  A N1     1 
ATOM   171 C C2     . DG  A 1 6 ? -0.824  2.978   -5.020  1.00 0.00 ? 6  DG  A C2     1 
ATOM   172 N N2     . DG  A 1 6 ? -1.838  2.225   -5.352  1.00 0.00 ? 6  DG  A N2     1 
ATOM   173 N N3     . DG  A 1 6 ? 0.206   3.059   -5.862  1.00 0.00 ? 6  DG  A N3     1 
ATOM   174 C C4     . DG  A 1 6 ? 1.182   3.918   -5.425  1.00 0.00 ? 6  DG  A C4     1 
ATOM   175 H "H5'"  . DG  A 1 6 ? 6.548   2.423   -6.811  1.00 0.00 ? 6  DG  A "H5'"  1 
ATOM   176 H "H5''" . DG  A 1 6 ? 7.037   3.363   -8.231  1.00 0.00 ? 6  DG  A "H5''" 1 
ATOM   177 H "H4'"  . DG  A 1 6 ? 5.057   2.032   -8.643  1.00 0.00 ? 6  DG  A "H4'"  1 
ATOM   178 H "H3'"  . DG  A 1 6 ? 5.329   4.774   -9.219  1.00 0.00 ? 6  DG  A "H3'"  1 
ATOM   179 H "H2'"  . DG  A 1 6 ? 3.741   5.605   -7.805  1.00 0.00 ? 6  DG  A "H2'"  1 
ATOM   180 H "H2''" . DG  A 1 6 ? 2.576   5.029   -9.017  1.00 0.00 ? 6  DG  A "H2''" 1 
ATOM   181 H "H1'"  . DG  A 1 6 ? 2.049   3.107   -7.839  1.00 0.00 ? 6  DG  A "H1'"  1 
ATOM   182 H H8     . DG  A 1 6 ? 3.929   5.611   -5.507  1.00 0.00 ? 6  DG  A H8     1 
ATOM   183 H H1     . DG  A 1 6 ? -1.765  3.557   -3.299  1.00 0.00 ? 6  DG  A H1     1 
ATOM   184 H H21    . DG  A 1 6 ? -1.791  1.732   -6.227  1.00 0.00 ? 6  DG  A H21    1 
ATOM   185 H H22    . DG  A 1 6 ? -2.692  2.243   -4.798  1.00 0.00 ? 6  DG  A H22    1 
ATOM   186 P P      . DG  A 1 7 ? 3.771   4.282   -11.624 1.00 0.00 ? 7  DG  A P      1 
ATOM   187 O OP1    . DG  A 1 7 ? 4.109   3.463   -12.811 1.00 0.00 ? 7  DG  A OP1    1 
ATOM   188 O OP2    . DG  A 1 7 ? 4.344   5.649   -11.497 1.00 0.00 ? 7  DG  A OP2    1 
ATOM   189 O "O5'"  . DG  A 1 7 ? 2.164   4.378   -11.515 1.00 0.00 ? 7  DG  A "O5'"  1 
ATOM   190 C "C5'"  . DG  A 1 7 ? 1.353   3.206   -11.577 1.00 0.00 ? 7  DG  A "C5'"  1 
ATOM   191 C "C4'"  . DG  A 1 7 ? -0.100  3.472   -11.158 1.00 0.00 ? 7  DG  A "C4'"  1 
ATOM   192 O "O4'"  . DG  A 1 7 ? -0.141  3.873   -9.794  1.00 0.00 ? 7  DG  A "O4'"  1 
ATOM   193 C "C3'"  . DG  A 1 7 ? -0.761  4.555   -12.022 1.00 0.00 ? 7  DG  A "C3'"  1 
ATOM   194 O "O3'"  . DG  A 1 7 ? -1.918  4.010   -12.644 1.00 0.00 ? 7  DG  A "O3'"  1 
ATOM   195 C "C2'"  . DG  A 1 7 ? -1.062  5.655   -11.005 1.00 0.00 ? 7  DG  A "C2'"  1 
ATOM   196 C "C1'"  . DG  A 1 7 ? -1.089  4.916   -9.667  1.00 0.00 ? 7  DG  A "C1'"  1 
ATOM   197 N N9     . DG  A 1 7 ? -0.736  5.782   -8.516  1.00 0.00 ? 7  DG  A N9     1 
ATOM   198 C C8     . DG  A 1 7 ? 0.377   6.572   -8.353  1.00 0.00 ? 7  DG  A C8     1 
ATOM   199 N N7     . DG  A 1 7 ? 0.467   7.152   -7.186  1.00 0.00 ? 7  DG  A N7     1 
ATOM   200 C C5     . DG  A 1 7 ? -0.713  6.763   -6.540  1.00 0.00 ? 7  DG  A C5     1 
ATOM   201 C C6     . DG  A 1 7 ? -1.234  7.084   -5.235  1.00 0.00 ? 7  DG  A C6     1 
ATOM   202 O O6     . DG  A 1 7 ? -0.725  7.748   -4.333  1.00 0.00 ? 7  DG  A O6     1 
ATOM   203 N N1     . DG  A 1 7 ? -2.488  6.566   -5.002  1.00 0.00 ? 7  DG  A N1     1 
ATOM   204 C C2     . DG  A 1 7 ? -3.172  5.812   -5.894  1.00 0.00 ? 7  DG  A C2     1 
ATOM   205 N N2     . DG  A 1 7 ? -4.392  5.482   -5.572  1.00 0.00 ? 7  DG  A N2     1 
ATOM   206 N N3     . DG  A 1 7 ? -2.714  5.445   -7.091  1.00 0.00 ? 7  DG  A N3     1 
ATOM   207 C C4     . DG  A 1 7 ? -1.473  5.958   -7.364  1.00 0.00 ? 7  DG  A C4     1 
ATOM   208 H "H5'"  . DG  A 1 7 ? 1.762   2.444   -10.913 1.00 0.00 ? 7  DG  A "H5'"  1 
ATOM   209 H "H5''" . DG  A 1 7 ? 1.356   2.814   -12.596 1.00 0.00 ? 7  DG  A "H5''" 1 
ATOM   210 H "H4'"  . DG  A 1 7 ? -0.668  2.546   -11.270 1.00 0.00 ? 7  DG  A "H4'"  1 
ATOM   211 H "H3'"  . DG  A 1 7 ? -0.059  4.916   -12.778 1.00 0.00 ? 7  DG  A "H3'"  1 
ATOM   212 H "H2'"  . DG  A 1 7 ? -0.259  6.392   -11.034 1.00 0.00 ? 7  DG  A "H2'"  1 
ATOM   213 H "H2''" . DG  A 1 7 ? -2.018  6.135   -11.195 1.00 0.00 ? 7  DG  A "H2''" 1 
ATOM   214 H "H1'"  . DG  A 1 7 ? -2.082  4.484   -9.521  1.00 0.00 ? 7  DG  A "H1'"  1 
ATOM   215 H H8     . DG  A 1 7 ? 1.131   6.676   -9.125  1.00 0.00 ? 7  DG  A H8     1 
ATOM   216 H H1     . DG  A 1 7 ? -2.933  6.814   -4.130  1.00 0.00 ? 7  DG  A H1     1 
ATOM   217 H H21    . DG  A 1 7 ? -4.926  4.951   -6.238  1.00 0.00 ? 7  DG  A H21    1 
ATOM   218 H H22    . DG  A 1 7 ? -4.816  5.855   -4.727  1.00 0.00 ? 7  DG  A H22    1 
ATOM   219 P P      . DA  A 1 8 ? -2.786  4.814   -13.740 1.00 0.00 ? 8  DA  A P      1 
ATOM   220 O OP1    . DA  A 1 8 ? -3.428  3.816   -14.630 1.00 0.00 ? 8  DA  A OP1    1 
ATOM   221 O OP2    . DA  A 1 8 ? -1.947  5.878   -14.345 1.00 0.00 ? 8  DA  A OP2    1 
ATOM   222 O "O5'"  . DA  A 1 8 ? -3.927  5.515   -12.850 1.00 0.00 ? 8  DA  A "O5'"  1 
ATOM   223 C "C5'"  . DA  A 1 8 ? -4.897  4.737   -12.157 1.00 0.00 ? 8  DA  A "C5'"  1 
ATOM   224 C "C4'"  . DA  A 1 8 ? -5.793  5.586   -11.245 1.00 0.00 ? 8  DA  A "C4'"  1 
ATOM   225 O "O4'"  . DA  A 1 8 ? -5.012  6.115   -10.177 1.00 0.00 ? 8  DA  A "O4'"  1 
ATOM   226 C "C3'"  . DA  A 1 8 ? -6.466  6.761   -11.979 1.00 0.00 ? 8  DA  A "C3'"  1 
ATOM   227 O "O3'"  . DA  A 1 8 ? -7.851  6.852   -11.653 1.00 0.00 ? 8  DA  A "O3'"  1 
ATOM   228 C "C2'"  . DA  A 1 8 ? -5.717  7.971   -11.428 1.00 0.00 ? 8  DA  A "C2'"  1 
ATOM   229 C "C1'"  . DA  A 1 8 ? -5.334  7.485   -10.030 1.00 0.00 ? 8  DA  A "C1'"  1 
ATOM   230 N N9     . DA  A 1 8 ? -4.189  8.210   -9.432  1.00 0.00 ? 8  DA  A N9     1 
ATOM   231 C C8     . DA  A 1 8 ? -2.994  8.576   -10.009 1.00 0.00 ? 8  DA  A C8     1 
ATOM   232 N N7     . DA  A 1 8 ? -2.170  9.195   -9.200  1.00 0.00 ? 8  DA  A N7     1 
ATOM   233 C C5     . DA  A 1 8 ? -2.899  9.256   -7.999  1.00 0.00 ? 8  DA  A C5     1 
ATOM   234 C C6     . DA  A 1 8 ? -2.660  9.779   -6.704  1.00 0.00 ? 8  DA  A C6     1 
ATOM   235 N N6     . DA  A 1 8 ? -1.548  10.375  -6.315  1.00 0.00 ? 8  DA  A N6     1 
ATOM   236 N N1     . DA  A 1 8 ? -3.576  9.686   -5.741  1.00 0.00 ? 8  DA  A N1     1 
ATOM   237 C C2     . DA  A 1 8 ? -4.729  9.093   -6.025  1.00 0.00 ? 8  DA  A C2     1 
ATOM   238 N N3     . DA  A 1 8 ? -5.103  8.561   -7.183  1.00 0.00 ? 8  DA  A N3     1 
ATOM   239 C C4     . DA  A 1 8 ? -4.131  8.668   -8.135  1.00 0.00 ? 8  DA  A C4     1 
ATOM   240 H "H5'"  . DA  A 1 8 ? -4.396  3.986   -11.543 1.00 0.00 ? 8  DA  A "H5'"  1 
ATOM   241 H "H5''" . DA  A 1 8 ? -5.528  4.219   -12.882 1.00 0.00 ? 8  DA  A "H5''" 1 
ATOM   242 H "H4'"  . DA  A 1 8 ? -6.569  4.941   -10.830 1.00 0.00 ? 8  DA  A "H4'"  1 
ATOM   243 H "H3'"  . DA  A 1 8 ? -6.328  6.680   -13.061 1.00 0.00 ? 8  DA  A "H3'"  1 
ATOM   244 H "HO3'" . DA  A 1 8 ? -8.292  7.472   -12.270 1.00 0.00 ? 8  DA  A "HO3'" 1 
ATOM   245 H "H2'"  . DA  A 1 8 ? -4.833  8.157   -12.037 1.00 0.00 ? 8  DA  A "H2'"  1 
ATOM   246 H "H2''" . DA  A 1 8 ? -6.344  8.863   -11.385 1.00 0.00 ? 8  DA  A "H2''" 1 
ATOM   247 H "H1'"  . DA  A 1 8 ? -6.208  7.578   -9.377  1.00 0.00 ? 8  DA  A "H1'"  1 
ATOM   248 H H8     . DA  A 1 8 ? -2.756  8.353   -11.042 1.00 0.00 ? 8  DA  A H8     1 
ATOM   249 H H61    . DA  A 1 8 ? -0.780  10.463  -6.964  1.00 0.00 ? 8  DA  A H61    1 
ATOM   250 H H62    . DA  A 1 8 ? -1.462  10.664  -5.347  1.00 0.00 ? 8  DA  A H62    1 
ATOM   251 H H2     . DA  A 1 8 ? -5.450  9.039   -5.219  1.00 0.00 ? 8  DA  A H2     1 
ATOM   252 O "O5'"  . DT  B 1 1 ? -5.879  16.009  0.797   1.00 0.00 ? 9  DT  B "O5'"  1 
ATOM   253 C "C5'"  . DT  B 1 1 ? -5.750  14.815  1.569   1.00 0.00 ? 9  DT  B "C5'"  1 
ATOM   254 C "C4'"  . DT  B 1 1 ? -6.566  13.656  0.971   1.00 0.00 ? 9  DT  B "C4'"  1 
ATOM   255 O "O4'"  . DT  B 1 1 ? -6.040  13.299  -0.304  1.00 0.00 ? 9  DT  B "O4'"  1 
ATOM   256 C "C3'"  . DT  B 1 1 ? -6.524  12.417  1.883   1.00 0.00 ? 9  DT  B "C3'"  1 
ATOM   257 O "O3'"  . DT  B 1 1 ? -7.857  12.016  2.184   1.00 0.00 ? 9  DT  B "O3'"  1 
ATOM   258 C "C2'"  . DT  B 1 1 ? -5.720  11.399  1.070   1.00 0.00 ? 9  DT  B "C2'"  1 
ATOM   259 C "C1'"  . DT  B 1 1 ? -5.800  11.903  -0.373  1.00 0.00 ? 9  DT  B "C1'"  1 
ATOM   260 N N1     . DT  B 1 1 ? -4.546  11.685  -1.149  1.00 0.00 ? 9  DT  B N1     1 
ATOM   261 C C2     . DT  B 1 1 ? -4.620  11.000  -2.370  1.00 0.00 ? 9  DT  B C2     1 
ATOM   262 O O2     . DT  B 1 1 ? -5.652  10.495  -2.818  1.00 0.00 ? 9  DT  B O2     1 
ATOM   263 N N3     . DT  B 1 1 ? -3.461  10.906  -3.100  1.00 0.00 ? 9  DT  B N3     1 
ATOM   264 C C4     . DT  B 1 1 ? -2.241  11.452  -2.763  1.00 0.00 ? 9  DT  B C4     1 
ATOM   265 O O4     . DT  B 1 1 ? -1.304  11.326  -3.549  1.00 0.00 ? 9  DT  B O4     1 
ATOM   266 C C5     . DT  B 1 1 ? -2.224  12.149  -1.475  1.00 0.00 ? 9  DT  B C5     1 
ATOM   267 C C7     . DT  B 1 1 ? -0.944  12.788  -0.962  1.00 0.00 ? 9  DT  B C7     1 
ATOM   268 C C6     . DT  B 1 1 ? -3.349  12.232  -0.721  1.00 0.00 ? 9  DT  B C6     1 
ATOM   269 H "H5'"  . DT  B 1 1 ? -6.113  15.007  2.582   1.00 0.00 ? 9  DT  B "H5'"  1 
ATOM   270 H "H5''" . DT  B 1 1 ? -4.701  14.517  1.629   1.00 0.00 ? 9  DT  B "H5''" 1 
ATOM   271 H "H4'"  . DT  B 1 1 ? -7.603  13.978  0.857   1.00 0.00 ? 9  DT  B "H4'"  1 
ATOM   272 H "H3'"  . DT  B 1 1 ? -5.994  12.642  2.812   1.00 0.00 ? 9  DT  B "H3'"  1 
ATOM   273 H "H2'"  . DT  B 1 1 ? -4.692  11.381  1.431   1.00 0.00 ? 9  DT  B "H2'"  1 
ATOM   274 H "H2''" . DT  B 1 1 ? -6.134  10.399  1.137   1.00 0.00 ? 9  DT  B "H2''" 1 
ATOM   275 H "H1'"  . DT  B 1 1 ? -6.650  11.416  -0.861  1.00 0.00 ? 9  DT  B "H1'"  1 
ATOM   276 H H3     . DT  B 1 1 ? -3.511  10.417  -3.980  1.00 0.00 ? 9  DT  B H3     1 
ATOM   277 H H71    . DT  B 1 1 ? -0.988  12.931  0.119   1.00 0.00 ? 9  DT  B H71    1 
ATOM   278 H H72    . DT  B 1 1 ? -0.093  12.148  -1.196  1.00 0.00 ? 9  DT  B H72    1 
ATOM   279 H H73    . DT  B 1 1 ? -0.798  13.751  -1.452  1.00 0.00 ? 9  DT  B H73    1 
ATOM   280 H H6     . DT  B 1 1 ? -3.325  12.778  0.215   1.00 0.00 ? 9  DT  B H6     1 
ATOM   281 H "HO5'" . DT  B 1 1 ? -5.262  16.691  1.136   1.00 0.00 ? 9  DT  B "HO5'" 1 
ATOM   282 P P      . DC  B 1 2 ? -8.217  10.768  3.145   1.00 0.00 ? 10 DC  B P      1 
ATOM   283 O OP1    . DC  B 1 2 ? -9.569  10.999  3.712   1.00 0.00 ? 10 DC  B OP1    1 
ATOM   284 O OP2    . DC  B 1 2 ? -7.083  10.520  4.069   1.00 0.00 ? 10 DC  B OP2    1 
ATOM   285 O "O5'"  . DC  B 1 2 ? -8.302  9.550   2.101   1.00 0.00 ? 10 DC  B "O5'"  1 
ATOM   286 C "C5'"  . DC  B 1 2 ? -9.226  9.598   1.018   1.00 0.00 ? 10 DC  B "C5'"  1 
ATOM   287 C "C4'"  . DC  B 1 2 ? -8.866  8.621   -0.103  1.00 0.00 ? 10 DC  B "C4'"  1 
ATOM   288 O "O4'"  . DC  B 1 2 ? -7.551  8.831   -0.596  1.00 0.00 ? 10 DC  B "O4'"  1 
ATOM   289 C "C3'"  . DC  B 1 2 ? -8.995  7.149   0.306   1.00 0.00 ? 10 DC  B "C3'"  1 
ATOM   290 O "O3'"  . DC  B 1 2 ? -10.083 6.592   -0.423  1.00 0.00 ? 10 DC  B "O3'"  1 
ATOM   291 C "C2'"  . DC  B 1 2 ? -7.629  6.570   -0.068  1.00 0.00 ? 10 DC  B "C2'"  1 
ATOM   292 C "C1'"  . DC  B 1 2 ? -7.056  7.588   -1.056  1.00 0.00 ? 10 DC  B "C1'"  1 
ATOM   293 N N1     . DC  B 1 2 ? -5.564  7.620   -1.116  1.00 0.00 ? 10 DC  B N1     1 
ATOM   294 C C2     . DC  B 1 2 ? -4.915  7.308   -2.321  1.00 0.00 ? 10 DC  B C2     1 
ATOM   295 O O2     . DC  B 1 2 ? -5.511  6.852   -3.299  1.00 0.00 ? 10 DC  B O2     1 
ATOM   296 N N3     . DC  B 1 2 ? -3.577  7.483   -2.452  1.00 0.00 ? 10 DC  B N3     1 
ATOM   297 C C4     . DC  B 1 2 ? -2.892  7.912   -1.415  1.00 0.00 ? 10 DC  B C4     1 
ATOM   298 N N4     . DC  B 1 2 ? -1.618  8.094   -1.612  1.00 0.00 ? 10 DC  B N4     1 
ATOM   299 C C5     . DC  B 1 2 ? -3.477  8.192   -0.150  1.00 0.00 ? 10 DC  B C5     1 
ATOM   300 C C6     . DC  B 1 2 ? -4.821  8.030   -0.035  1.00 0.00 ? 10 DC  B C6     1 
ATOM   301 H "H5'"  . DC  B 1 2 ? -9.242  10.599  0.584   1.00 0.00 ? 10 DC  B "H5'"  1 
ATOM   302 H "H5''" . DC  B 1 2 ? -10.229 9.367   1.384   1.00 0.00 ? 10 DC  B "H5''" 1 
ATOM   303 H "H4'"  . DC  B 1 2 ? -9.562  8.802   -0.924  1.00 0.00 ? 10 DC  B "H4'"  1 
ATOM   304 H "H3'"  . DC  B 1 2 ? -9.164  7.061   1.381   1.00 0.00 ? 10 DC  B "H3'"  1 
ATOM   305 H "H2'"  . DC  B 1 2 ? -7.011  6.507   0.826   1.00 0.00 ? 10 DC  B "H2'"  1 
ATOM   306 H "H2''" . DC  B 1 2 ? -7.729  5.594   -0.533  1.00 0.00 ? 10 DC  B "H2''" 1 
ATOM   307 H "H1'"  . DC  B 1 2 ? -7.472  7.380   -2.048  1.00 0.00 ? 10 DC  B "H1'"  1 
ATOM   308 H H41    . DC  B 1 2 ? -1.028  8.391   -0.857  1.00 0.00 ? 10 DC  B H41    1 
ATOM   309 H H42    . DC  B 1 2 ? -1.255  7.896   -2.538  1.00 0.00 ? 10 DC  B H42    1 
ATOM   310 H H5     . DC  B 1 2 ? -2.898  8.533   0.694   1.00 0.00 ? 10 DC  B H5     1 
ATOM   311 H H6     . DC  B 1 2 ? -5.325  8.246   0.902   1.00 0.00 ? 10 DC  B H6     1 
ATOM   312 P P      . DC  B 1 3 ? -10.738 5.158   -0.085  1.00 0.00 ? 11 DC  B P      1 
ATOM   313 O OP1    . DC  B 1 3 ? -12.157 5.198   -0.517  1.00 0.00 ? 11 DC  B OP1    1 
ATOM   314 O OP2    . DC  B 1 3 ? -10.421 4.810   1.326   1.00 0.00 ? 11 DC  B OP2    1 
ATOM   315 O "O5'"  . DC  B 1 3 ? -9.934  4.151   -1.054  1.00 0.00 ? 11 DC  B "O5'"  1 
ATOM   316 C "C5'"  . DC  B 1 3 ? -10.099 4.201   -2.468  1.00 0.00 ? 11 DC  B "C5'"  1 
ATOM   317 C "C4'"  . DC  B 1 3 ? -9.054  3.348   -3.208  1.00 0.00 ? 11 DC  B "C4'"  1 
ATOM   318 O "O4'"  . DC  B 1 3 ? -7.751  3.875   -2.984  1.00 0.00 ? 11 DC  B "O4'"  1 
ATOM   319 C "C3'"  . DC  B 1 3 ? -9.067  1.874   -2.769  1.00 0.00 ? 11 DC  B "C3'"  1 
ATOM   320 O "O3'"  . DC  B 1 3 ? -9.298  1.040   -3.898  1.00 0.00 ? 11 DC  B "O3'"  1 
ATOM   321 C "C2'"  . DC  B 1 3 ? -7.673  1.689   -2.166  1.00 0.00 ? 11 DC  B "C2'"  1 
ATOM   322 C "C1'"  . DC  B 1 3 ? -6.859  2.787   -2.854  1.00 0.00 ? 11 DC  B "C1'"  1 
ATOM   323 N N1     . DC  B 1 3 ? -5.642  3.207   -2.100  1.00 0.00 ? 11 DC  B N1     1 
ATOM   324 C C2     . DC  B 1 3 ? -4.397  3.176   -2.740  1.00 0.00 ? 11 DC  B C2     1 
ATOM   325 O O2     . DC  B 1 3 ? -4.233  2.656   -3.845  1.00 0.00 ? 11 DC  B O2     1 
ATOM   326 N N3     . DC  B 1 3 ? -3.303  3.719   -2.153  1.00 0.00 ? 11 DC  B N3     1 
ATOM   327 C C4     . DC  B 1 3 ? -3.423  4.220   -0.942  1.00 0.00 ? 11 DC  B C4     1 
ATOM   328 N N4     . DC  B 1 3 ? -2.358  4.780   -0.447  1.00 0.00 ? 11 DC  B N4     1 
ATOM   329 C C5     . DC  B 1 3 ? -4.637  4.203   -0.203  1.00 0.00 ? 11 DC  B C5     1 
ATOM   330 C C6     . DC  B 1 3 ? -5.730  3.680   -0.813  1.00 0.00 ? 11 DC  B C6     1 
ATOM   331 H "H5'"  . DC  B 1 3 ? -10.007 5.233   -2.810  1.00 0.00 ? 11 DC  B "H5'"  1 
ATOM   332 H "H5''" . DC  B 1 3 ? -11.097 3.840   -2.726  1.00 0.00 ? 11 DC  B "H5''" 1 
ATOM   333 H "H4'"  . DC  B 1 3 ? -9.272  3.394   -4.276  1.00 0.00 ? 11 DC  B "H4'"  1 
ATOM   334 H "H3'"  . DC  B 1 3 ? -9.838  1.715   -2.012  1.00 0.00 ? 11 DC  B "H3'"  1 
ATOM   335 H "H2'"  . DC  B 1 3 ? -7.733  1.847   -1.090  1.00 0.00 ? 11 DC  B "H2'"  1 
ATOM   336 H "H2''" . DC  B 1 3 ? -7.257  0.708   -2.377  1.00 0.00 ? 11 DC  B "H2''" 1 
ATOM   337 H "H1'"  . DC  B 1 3 ? -6.588  2.433   -3.854  1.00 0.00 ? 11 DC  B "H1'"  1 
ATOM   338 H H41    . DC  B 1 3 ? -2.380  5.171   0.477   1.00 0.00 ? 11 DC  B H41    1 
ATOM   339 H H42    . DC  B 1 3 ? -1.532  4.819   -1.035  1.00 0.00 ? 11 DC  B H42    1 
ATOM   340 H H5     . DC  B 1 3 ? -4.711  4.592   0.801   1.00 0.00 ? 11 DC  B H5     1 
ATOM   341 H H6     . DC  B 1 3 ? -6.684  3.650   -0.300  1.00 0.00 ? 11 DC  B H6     1 
ATOM   342 P P      . DG  B 1 4 ? -9.574  -0.544  -3.768  1.00 0.00 ? 12 DG  B P      1 
ATOM   343 O OP1    . DG  B 1 4 ? -10.403 -0.952  -4.929  1.00 0.00 ? 12 DG  B OP1    1 
ATOM   344 O OP2    . DG  B 1 4 ? -10.074 -0.839  -2.404  1.00 0.00 ? 12 DG  B OP2    1 
ATOM   345 O "O5'"  . DG  B 1 4 ? -8.114  -1.208  -3.920  1.00 0.00 ? 12 DG  B "O5'"  1 
ATOM   346 C "C5'"  . DG  B 1 4 ? -7.408  -1.143  -5.156  1.00 0.00 ? 12 DG  B "C5'"  1 
ATOM   347 C "C4'"  . DG  B 1 4 ? -6.090  -1.932  -5.165  1.00 0.00 ? 12 DG  B "C4'"  1 
ATOM   348 O "O4'"  . DG  B 1 4 ? -5.074  -1.252  -4.437  1.00 0.00 ? 12 DG  B "O4'"  1 
ATOM   349 C "C3'"  . DG  B 1 4 ? -6.222  -3.346  -4.580  1.00 0.00 ? 12 DG  B "C3'"  1 
ATOM   350 O "O3'"  . DG  B 1 4 ? -5.460  -4.214  -5.401  1.00 0.00 ? 12 DG  B "O3'"  1 
ATOM   351 C "C2'"  . DG  B 1 4 ? -5.620  -3.156  -3.189  1.00 0.00 ? 12 DG  B "C2'"  1 
ATOM   352 C "C1'"  . DG  B 1 4 ? -4.514  -2.131  -3.474  1.00 0.00 ? 12 DG  B "C1'"  1 
ATOM   353 N N9     . DG  B 1 4 ? -4.066  -1.301  -2.326  1.00 0.00 ? 12 DG  B N9     1 
ATOM   354 C C8     . DG  B 1 4 ? -4.824  -0.748  -1.319  1.00 0.00 ? 12 DG  B C8     1 
ATOM   355 N N7     . DG  B 1 4 ? -4.192  0.127   -0.585  1.00 0.00 ? 12 DG  B N7     1 
ATOM   356 C C5     . DG  B 1 4 ? -2.901  0.142   -1.132  1.00 0.00 ? 12 DG  B C5     1 
ATOM   357 C C6     . DG  B 1 4 ? -1.732  0.912   -0.796  1.00 0.00 ? 12 DG  B C6     1 
ATOM   358 O O6     . DG  B 1 4 ? -1.569  1.737   0.103   1.00 0.00 ? 12 DG  B O6     1 
ATOM   359 N N1     . DG  B 1 4 ? -0.659  0.681   -1.628  1.00 0.00 ? 12 DG  B N1     1 
ATOM   360 C C2     . DG  B 1 4 ? -0.618  -0.282  -2.588  1.00 0.00 ? 12 DG  B C2     1 
ATOM   361 N N2     . DG  B 1 4 ? 0.579   -0.445  -3.147  1.00 0.00 ? 12 DG  B N2     1 
ATOM   362 N N3     . DG  B 1 4 ? -1.675  -1.053  -2.900  1.00 0.00 ? 12 DG  B N3     1 
ATOM   363 C C4     . DG  B 1 4 ? -2.801  -0.767  -2.165  1.00 0.00 ? 12 DG  B C4     1 
ATOM   364 H "H5'"  . DG  B 1 4 ? -7.192  -0.104  -5.402  1.00 0.00 ? 12 DG  B "H5'"  1 
ATOM   365 H "H5''" . DG  B 1 4 ? -8.039  -1.556  -5.946  1.00 0.00 ? 12 DG  B "H5''" 1 
ATOM   366 H "H4'"  . DG  B 1 4 ? -5.768  -2.015  -6.204  1.00 0.00 ? 12 DG  B "H4'"  1 
ATOM   367 H "H3'"  . DG  B 1 4 ? -7.266  -3.666  -4.533  1.00 0.00 ? 12 DG  B "H3'"  1 
ATOM   368 H "H2'"  . DG  B 1 4 ? -6.375  -2.738  -2.525  1.00 0.00 ? 12 DG  B "H2'"  1 
ATOM   369 H "H2''" . DG  B 1 4 ? -5.229  -4.087  -2.784  1.00 0.00 ? 12 DG  B "H2''" 1 
ATOM   370 H "H1'"  . DG  B 1 4 ? -3.651  -2.650  -3.905  1.00 0.00 ? 12 DG  B "H1'"  1 
ATOM   371 H H8     . DG  B 1 4 ? -5.873  -0.986  -1.180  1.00 0.00 ? 12 DG  B H8     1 
ATOM   372 H H1     . DG  B 1 4 ? 0.164   1.241   -1.468  1.00 0.00 ? 12 DG  B H1     1 
ATOM   373 H H22    . DG  B 1 4 ? 1.270   0.271   -2.953  1.00 0.00 ? 12 DG  B H22    1 
ATOM   374 P P      . DC  B 1 5 ? -5.725  -5.793  -5.521  1.00 0.00 ? 13 DC  B P      1 
ATOM   375 O OP1    . DC  B 1 5 ? -5.933  -6.110  -6.957  1.00 0.00 ? 13 DC  B OP1    1 
ATOM   376 O OP2    . DC  B 1 5 ? -6.734  -6.234  -4.521  1.00 0.00 ? 13 DC  B OP2    1 
ATOM   377 O "O5'"  . DC  B 1 5 ? -4.294  -6.342  -5.044  1.00 0.00 ? 13 DC  B "O5'"  1 
ATOM   378 C "C5'"  . DC  B 1 5 ? -3.104  -6.144  -5.809  1.00 0.00 ? 13 DC  B "C5'"  1 
ATOM   379 C "C4'"  . DC  B 1 5 ? -1.864  -6.133  -4.901  1.00 0.00 ? 13 DC  B "C4'"  1 
ATOM   380 O "O4'"  . DC  B 1 5 ? -1.912  -5.047  -3.990  1.00 0.00 ? 13 DC  B "O4'"  1 
ATOM   381 C "C3'"  . DC  B 1 5 ? -1.735  -7.411  -4.067  1.00 0.00 ? 13 DC  B "C3'"  1 
ATOM   382 O "O3'"  . DC  B 1 5 ? -0.968  -8.333  -4.817  1.00 0.00 ? 13 DC  B "O3'"  1 
ATOM   383 C "C2'"  . DC  B 1 5 ? -1.139  -6.895  -2.750  1.00 0.00 ? 13 DC  B "C2'"  1 
ATOM   384 C "C1'"  . DC  B 1 5 ? -1.050  -5.374  -2.918  1.00 0.00 ? 13 DC  B "C1'"  1 
ATOM   385 N N1     . DC  B 1 5 ? -1.451  -4.613  -1.704  1.00 0.00 ? 13 DC  B N1     1 
ATOM   386 C C2     . DC  B 1 5 ? -0.489  -3.853  -1.030  1.00 0.00 ? 13 DC  B C2     1 
ATOM   387 O O2     . DC  B 1 5 ? 0.705   -3.893  -1.327  1.00 0.00 ? 13 DC  B O2     1 
ATOM   388 N N3     . DC  B 1 5 ? -0.830  -3.039  -0.008  1.00 0.00 ? 13 DC  B N3     1 
ATOM   389 C C4     . DC  B 1 5 ? -2.082  -3.036  0.399   1.00 0.00 ? 13 DC  B C4     1 
ATOM   390 N N4     . DC  B 1 5 ? -2.344  -2.236  1.388   1.00 0.00 ? 13 DC  B N4     1 
ATOM   391 C C5     . DC  B 1 5 ? -3.102  -3.820  -0.205  1.00 0.00 ? 13 DC  B C5     1 
ATOM   392 C C6     . DC  B 1 5 ? -2.753  -4.601  -1.259  1.00 0.00 ? 13 DC  B C6     1 
ATOM   393 H "H5'"  . DC  B 1 5 ? -3.134  -5.187  -6.342  1.00 0.00 ? 13 DC  B "H5'"  1 
ATOM   394 H "H5''" . DC  B 1 5 ? -3.015  -6.953  -6.541  1.00 0.00 ? 13 DC  B "H5''" 1 
ATOM   395 H "H4'"  . DC  B 1 5 ? -0.968  -6.036  -5.524  1.00 0.00 ? 13 DC  B "H4'"  1 
ATOM   396 H "H3'"  . DC  B 1 5 ? -2.723  -7.843  -3.881  1.00 0.00 ? 13 DC  B "H3'"  1 
ATOM   397 H "H2'"  . DC  B 1 5 ? -1.816  -7.168  -1.939  1.00 0.00 ? 13 DC  B "H2'"  1 
ATOM   398 H "H2''" . DC  B 1 5 ? -0.148  -7.295  -2.565  1.00 0.00 ? 13 DC  B "H2''" 1 
ATOM   399 H "H1'"  . DC  B 1 5 ? -0.020  -5.127  -3.195  1.00 0.00 ? 13 DC  B "H1'"  1 
ATOM   400 H H41    . DC  B 1 5 ? -3.281  -2.162  1.742   1.00 0.00 ? 13 DC  B H41    1 
ATOM   401 H H42    . DC  B 1 5 ? -1.573  -1.695  1.767   1.00 0.00 ? 13 DC  B H42    1 
ATOM   402 H H5     . DC  B 1 5 ? -4.123  -3.801  0.146   1.00 0.00 ? 13 DC  B H5     1 
ATOM   403 H H6     . DC  B 1 5 ? -3.489  -5.214  -1.768  1.00 0.00 ? 13 DC  B H6     1 
ATOM   404 P P      . DG  B 1 6 ? -0.589  -9.807  -4.286  1.00 0.00 ? 14 DG  B P      1 
ATOM   405 O OP1    . DG  B 1 6 ? -0.374  -10.692 -5.469  1.00 0.00 ? 14 DG  B OP1    1 
ATOM   406 O OP2    . DG  B 1 6 ? -1.539  -10.226 -3.222  1.00 0.00 ? 14 DG  B OP2    1 
ATOM   407 O "O5'"  . DG  B 1 6 ? 0.829   -9.499  -3.588  1.00 0.00 ? 14 DG  B "O5'"  1 
ATOM   408 C "C5'"  . DG  B 1 6 ? 1.901   -8.962  -4.356  1.00 0.00 ? 14 DG  B "C5'"  1 
ATOM   409 C "C4'"  . DG  B 1 6 ? 3.129   -8.615  -3.519  1.00 0.00 ? 14 DG  B "C4'"  1 
ATOM   410 O "O4'"  . DG  B 1 6 ? 2.829   -7.560  -2.607  1.00 0.00 ? 14 DG  B "O4'"  1 
ATOM   411 C "C3'"  . DG  B 1 6 ? 3.689   -9.812  -2.743  1.00 0.00 ? 14 DG  B "C3'"  1 
ATOM   412 O "O3'"  . DG  B 1 6 ? 5.080   -9.931  -3.021  1.00 0.00 ? 14 DG  B "O3'"  1 
ATOM   413 C "C2'"  . DG  B 1 6 ? 3.357   -9.455  -1.296  1.00 0.00 ? 14 DG  B "C2'"  1 
ATOM   414 C "C1'"  . DG  B 1 6 ? 3.201   -7.933  -1.293  1.00 0.00 ? 14 DG  B "C1'"  1 
ATOM   415 N N9     . DG  B 1 6 ? 2.160   -7.444  -0.356  1.00 0.00 ? 14 DG  B N9     1 
ATOM   416 C C8     . DG  B 1 6 ? 0.874   -7.901  -0.181  1.00 0.00 ? 14 DG  B C8     1 
ATOM   417 N N7     . DG  B 1 6 ? 0.153   -7.196  0.650   1.00 0.00 ? 14 DG  B N7     1 
ATOM   418 C C5     . DG  B 1 6 ? 1.046   -6.214  1.097   1.00 0.00 ? 14 DG  B C5     1 
ATOM   419 C C6     . DG  B 1 6 ? 0.884   -5.142  2.045   1.00 0.00 ? 14 DG  B C6     1 
ATOM   420 O O6     . DG  B 1 6 ? -0.114  -4.816  2.688   1.00 0.00 ? 14 DG  B O6     1 
ATOM   421 N N1     . DG  B 1 6 ? 2.035   -4.410  2.247   1.00 0.00 ? 14 DG  B N1     1 
ATOM   422 C C2     . DG  B 1 6 ? 3.202   -4.640  1.601   1.00 0.00 ? 14 DG  B C2     1 
ATOM   423 N N2     . DG  B 1 6 ? 4.214   -3.882  1.926   1.00 0.00 ? 14 DG  B N2     1 
ATOM   424 N N3     . DG  B 1 6 ? 3.398   -5.604  0.704   1.00 0.00 ? 14 DG  B N3     1 
ATOM   425 C C4     . DG  B 1 6 ? 2.279   -6.367  0.494   1.00 0.00 ? 14 DG  B C4     1 
ATOM   426 H "H5'"  . DG  B 1 6 ? 1.602   -8.053  -4.884  1.00 0.00 ? 14 DG  B "H5'"  1 
ATOM   427 H "H5''" . DG  B 1 6 ? 2.202   -9.704  -5.090  1.00 0.00 ? 14 DG  B "H5''" 1 
ATOM   428 H "H4'"  . DG  B 1 6 ? 3.899   -8.270  -4.198  1.00 0.00 ? 14 DG  B "H4'"  1 
ATOM   429 H "H3'"  . DG  B 1 6 ? 3.168   -10.729 -3.018  1.00 0.00 ? 14 DG  B "H3'"  1 
ATOM   430 H "H2'"  . DG  B 1 6 ? 2.425   -9.944  -1.022  1.00 0.00 ? 14 DG  B "H2'"  1 
ATOM   431 H "H2''" . DG  B 1 6 ? 4.146   -9.766  -0.614  1.00 0.00 ? 14 DG  B "H2''" 1 
ATOM   432 H "H1'"  . DG  B 1 6 ? 4.165   -7.478  -1.042  1.00 0.00 ? 14 DG  B "H1'"  1 
ATOM   433 H H8     . DG  B 1 6 ? 0.480   -8.749  -0.729  1.00 0.00 ? 14 DG  B H8     1 
ATOM   434 H H1     . DG  B 1 6 ? 1.992   -3.674  2.937   1.00 0.00 ? 14 DG  B H1     1 
ATOM   435 H H21    . DG  B 1 6 ? 5.099   -4.057  1.479   1.00 0.00 ? 14 DG  B H21    1 
ATOM   436 H H22    . DG  B 1 6 ? 4.129   -3.223  2.698   1.00 0.00 ? 14 DG  B H22    1 
ATOM   437 P P      . DG  B 1 7 ? 5.986   -11.154 -2.472  1.00 0.00 ? 15 DG  B P      1 
ATOM   438 O OP1    . DG  B 1 7 ? 7.112   -11.372 -3.411  1.00 0.00 ? 15 DG  B OP1    1 
ATOM   439 O OP2    . DG  B 1 7 ? 5.084   -12.290 -2.155  1.00 0.00 ? 15 DG  B OP2    1 
ATOM   440 O "O5'"  . DG  B 1 7 ? 6.593   -10.560 -1.099  1.00 0.00 ? 15 DG  B "O5'"  1 
ATOM   441 C "C5'"  . DG  B 1 7 ? 7.473   -9.436  -1.115  1.00 0.00 ? 15 DG  B "C5'"  1 
ATOM   442 C "C4'"  . DG  B 1 7 ? 7.694   -8.819  0.272   1.00 0.00 ? 15 DG  B "C4'"  1 
ATOM   443 O "O4'"  . DG  B 1 7 ? 6.467   -8.304  0.773   1.00 0.00 ? 15 DG  B "O4'"  1 
ATOM   444 C "C3'"  . DG  B 1 7 ? 8.263   -9.833  1.270   1.00 0.00 ? 15 DG  B "C3'"  1 
ATOM   445 O "O3'"  . DG  B 1 7 ? 9.471   -9.315  1.817   1.00 0.00 ? 15 DG  B "O3'"  1 
ATOM   446 C "C2'"  . DG  B 1 7 ? 7.134   -9.962  2.292   1.00 0.00 ? 15 DG  B "C2'"  1 
ATOM   447 C "C1'"  . DG  B 1 7 ? 6.366   -8.649  2.143   1.00 0.00 ? 15 DG  B "C1'"  1 
ATOM   448 N N9     . DG  B 1 7 ? 4.938   -8.753  2.534   1.00 0.00 ? 15 DG  B N9     1 
ATOM   449 C C8     . DG  B 1 7 ? 4.005   -9.671  2.115   1.00 0.00 ? 15 DG  B C8     1 
ATOM   450 N N7     . DG  B 1 7 ? 2.794   -9.453  2.552   1.00 0.00 ? 15 DG  B N7     1 
ATOM   451 C C5     . DG  B 1 7 ? 2.945   -8.332  3.378   1.00 0.00 ? 15 DG  B C5     1 
ATOM   452 C C6     . DG  B 1 7 ? 1.992   -7.602  4.177   1.00 0.00 ? 15 DG  B C6     1 
ATOM   453 O O6     . DG  B 1 7 ? 0.777   -7.759  4.282   1.00 0.00 ? 15 DG  B O6     1 
ATOM   454 N N1     . DG  B 1 7 ? 2.561   -6.596  4.925   1.00 0.00 ? 15 DG  B N1     1 
ATOM   455 C C2     . DG  B 1 7 ? 3.880   -6.295  4.910   1.00 0.00 ? 15 DG  B C2     1 
ATOM   456 N N2     . DG  B 1 7 ? 4.285   -5.382  5.748   1.00 0.00 ? 15 DG  B N2     1 
ATOM   457 N N3     . DG  B 1 7 ? 4.792   -6.904  4.151   1.00 0.00 ? 15 DG  B N3     1 
ATOM   458 C C4     . DG  B 1 7 ? 4.264   -7.924  3.405   1.00 0.00 ? 15 DG  B C4     1 
ATOM   459 H "H5'"  . DG  B 1 7 ? 7.057   -8.663  -1.763  1.00 0.00 ? 15 DG  B "H5'"  1 
ATOM   460 H "H5''" . DG  B 1 7 ? 8.444   -9.733  -1.514  1.00 0.00 ? 15 DG  B "H5''" 1 
ATOM   461 H "H4'"  . DG  B 1 7 ? 8.407   -7.995  0.174   1.00 0.00 ? 15 DG  B "H4'"  1 
ATOM   462 H "H3'"  . DG  B 1 7 ? 8.448   -10.790 0.775   1.00 0.00 ? 15 DG  B "H3'"  1 
ATOM   463 H "H2'"  . DG  B 1 7 ? 6.512   -10.819 2.025   1.00 0.00 ? 15 DG  B "H2'"  1 
ATOM   464 H "H2''" . DG  B 1 7 ? 7.510   -10.073 3.303   1.00 0.00 ? 15 DG  B "H2''" 1 
ATOM   465 H "H1'"  . DG  B 1 7 ? 6.864   -7.882  2.742   1.00 0.00 ? 15 DG  B "H1'"  1 
ATOM   466 H H8     . DG  B 1 7 ? 4.255   -10.489 1.450   1.00 0.00 ? 15 DG  B H8     1 
ATOM   467 H H1     . DG  B 1 7 ? 1.953   -6.094  5.556   1.00 0.00 ? 15 DG  B H1     1 
ATOM   468 H H21    . DG  B 1 7 ? 5.268   -5.177  5.778   1.00 0.00 ? 15 DG  B H21    1 
ATOM   469 H H22    . DG  B 1 7 ? 3.643   -4.996  6.434   1.00 0.00 ? 15 DG  B H22    1 
ATOM   470 P P      . DA  B 1 8 ? 10.425  -10.160 2.805   1.00 0.00 ? 16 DA  B P      1 
ATOM   471 O OP1    . DA  B 1 8 ? 11.815  -9.676  2.611   1.00 0.00 ? 16 DA  B OP1    1 
ATOM   472 O OP2    . DA  B 1 8 ? 10.143  -11.608 2.643   1.00 0.00 ? 16 DA  B OP2    1 
ATOM   473 O "O5'"  . DA  B 1 8 ? 9.926   -9.710  4.268   1.00 0.00 ? 16 DA  B "O5'"  1 
ATOM   474 C "C5'"  . DA  B 1 8 ? 10.112  -8.376  4.728   1.00 0.00 ? 16 DA  B "C5'"  1 
ATOM   475 C "C4'"  . DA  B 1 8 ? 9.437   -8.117  6.084   1.00 0.00 ? 16 DA  B "C4'"  1 
ATOM   476 O "O4'"  . DA  B 1 8 ? 8.024   -8.195  5.929   1.00 0.00 ? 16 DA  B "O4'"  1 
ATOM   477 C "C3'"  . DA  B 1 8 ? 9.860   -9.117  7.178   1.00 0.00 ? 16 DA  B "C3'"  1 
ATOM   478 O "O3'"  . DA  B 1 8 ? 10.161  -8.453  8.403   1.00 0.00 ? 16 DA  B "O3'"  1 
ATOM   479 C "C2'"  . DA  B 1 8 ? 8.610   -9.976  7.342   1.00 0.00 ? 16 DA  B "C2'"  1 
ATOM   480 C "C1'"  . DA  B 1 8 ? 7.505   -8.980  6.985   1.00 0.00 ? 16 DA  B "C1'"  1 
ATOM   481 N N9     . DA  B 1 8 ? 6.236   -9.617  6.562   1.00 0.00 ? 16 DA  B N9     1 
ATOM   482 C C8     . DA  B 1 8 ? 6.038   -10.683 5.715   1.00 0.00 ? 16 DA  B C8     1 
ATOM   483 N N7     . DA  B 1 8 ? 4.780   -10.997 5.525   1.00 0.00 ? 16 DA  B N7     1 
ATOM   484 C C5     . DA  B 1 8 ? 4.101   -10.068 6.332   1.00 0.00 ? 16 DA  B C5     1 
ATOM   485 C C6     . DA  B 1 8 ? 2.742   -9.801  6.633   1.00 0.00 ? 16 DA  B C6     1 
ATOM   486 N N6     . DA  B 1 8 ? 1.709   -10.452 6.130   1.00 0.00 ? 16 DA  B N6     1 
ATOM   487 N N1     . DA  B 1 8 ? 2.399   -8.822  7.468   1.00 0.00 ? 16 DA  B N1     1 
ATOM   488 C C2     . DA  B 1 8 ? 3.364   -8.098  8.021   1.00 0.00 ? 16 DA  B C2     1 
ATOM   489 N N3     . DA  B 1 8 ? 4.675   -8.227  7.844   1.00 0.00 ? 16 DA  B N3     1 
ATOM   490 C C4     . DA  B 1 8 ? 4.980   -9.231  6.974   1.00 0.00 ? 16 DA  B C4     1 
ATOM   491 H "H5'"  . DA  B 1 8 ? 9.699   -7.674  4.001   1.00 0.00 ? 16 DA  B "H5'"  1 
ATOM   492 H "H5''" . DA  B 1 8 ? 11.180  -8.175  4.828   1.00 0.00 ? 16 DA  B "H5''" 1 
ATOM   493 H "H4'"  . DA  B 1 8 ? 9.703   -7.109  6.410   1.00 0.00 ? 16 DA  B "H4'"  1 
ATOM   494 H "H3'"  . DA  B 1 8 ? 10.707  -9.726  6.847   1.00 0.00 ? 16 DA  B "H3'"  1 
ATOM   495 H "HO3'" . DA  B 1 8 ? 10.564  -9.091  9.029   1.00 0.00 ? 16 DA  B "HO3'" 1 
ATOM   496 H "H2'"  . DA  B 1 8 ? 8.643   -10.803 6.632   1.00 0.00 ? 16 DA  B "H2'"  1 
ATOM   497 H "H2''" . DA  B 1 8 ? 8.496   -10.353 8.360   1.00 0.00 ? 16 DA  B "H2''" 1 
ATOM   498 H "H1'"  . DA  B 1 8 ? 7.322   -8.338  7.852   1.00 0.00 ? 16 DA  B "H1'"  1 
ATOM   499 H H8     . DA  B 1 8 ? 6.857   -11.206 5.237   1.00 0.00 ? 16 DA  B H8     1 
ATOM   500 H H61    . DA  B 1 8 ? 1.866   -11.189 5.460   1.00 0.00 ? 16 DA  B H61    1 
ATOM   501 H H62    . DA  B 1 8 ? 0.774   -10.139 6.369   1.00 0.00 ? 16 DA  B H62    1 
ATOM   502 H H2     . DA  B 1 8 ? 3.047   -7.315  8.697   1.00 0.00 ? 16 DA  B H2     1 
HETATM 503 C C1     . TME C 2 . ? 3.341   -1.415  -2.429  1.00 0.00 ? 17 TME A C1     1 
HETATM 504 C C2     . TME C 2 . ? 2.610   -1.784  -3.744  1.00 0.00 ? 17 TME A C2     1 
HETATM 505 C C3     . TME C 2 . ? 1.074   -1.626  -3.854  1.00 0.00 ? 17 TME A C3     1 
HETATM 506 H H11    . TME C 2 . ? 3.590   -0.354  -2.449  1.00 0.00 ? 17 TME A H11    1 
HETATM 507 H H13    . TME C 2 . ? 4.280   -1.970  -2.379  1.00 0.00 ? 17 TME A H13    1 
HETATM 508 H H21    . TME C 2 . ? 2.837   -2.827  -3.966  1.00 0.00 ? 17 TME A H21    1 
HETATM 509 H H22    . TME C 2 . ? 3.062   -1.192  -4.540  1.00 0.00 ? 17 TME A H22    1 
HETATM 510 H H32    . TME C 2 . ? 0.798   -1.557  -4.908  1.00 0.00 ? 17 TME A H32    1 
HETATM 511 H H33    . TME C 2 . ? 0.597   -2.519  -3.453  1.00 0.00 ? 17 TME A H33    1 
# 
